data_5VEN
#
_entry.id   5VEN
#
_cell.length_a   82.403
_cell.length_b   82.403
_cell.length_c   301.010
_cell.angle_alpha   90.00
_cell.angle_beta   90.00
_cell.angle_gamma   120.00
#
_symmetry.space_group_name_H-M   'P 32 2 1'
#
loop_
_entity.id
_entity.type
_entity.pdbx_description
1 polymer 'Ectonucleotide pyrophosphatase/phosphodiesterase family member 5'
2 branched alpha-D-mannopyranose-(1-3)-[alpha-D-mannopyranose-(1-6)]beta-D-mannopyranose-(1-4)-2-acetamido-2-deoxy-beta-D-glucopyranose-(1-4)-2-acetamido-2-deoxy-beta-D-glucopyranose
3 branched 2-acetamido-2-deoxy-beta-D-glucopyranose-(1-4)-2-acetamido-2-deoxy-beta-D-glucopyranose
4 branched alpha-L-fucopyranose-(1-6)-2-acetamido-2-deoxy-beta-D-glucopyranose
5 non-polymer 'ZINC ION'
6 non-polymer 2-acetamido-2-deoxy-beta-D-glucopyranose
7 non-polymer 'TETRAETHYLENE GLYCOL'
8 water water
#
_entity_poly.entity_id   1
_entity_poly.type   'polypeptide(L)'
_entity_poly.pdbx_seq_one_letter_code
;DRHHHHHHKLPEEQKVLVVSFDGFRWDYLYKVPTPHFHYIMKNGVHVNQVTNVFITKTYPNHYTLVTGLFAENHGIVAND
MFDPILNKSFSLEHMDIYDSKFWEEATPIWITNQRAGHASGAAMWPGADVKIHDSFPTYYLPYNESVSFEDRVAKIIEWF
TAKDPINLGFLYWEEPDDTGHDVGPDSPLMGSVISDVDHKLGYLIKMLKRAKLWNNVNLIVTSDHGMTQCSKQRVIELDR
YLDKEHYTLIDHSPVAAILPKEGKFDEVYDALAGAHPNLTVYKKEEIPERWHYKHNDRVQPIVAVADEGWYILQNKSDDF
LLGNHGYDNALAEMHPIFLAHGPAFRKNFTKEAMNSTDLYSLLCHLLNLTALPHNGSFWNVQDLLSSATPKPIPYTQSTT
LLLGSDKPGEDEQEES
;
_entity_poly.pdbx_strand_id   A,B
#
# COMPACT_ATOMS: atom_id res chain seq x y z
N HIS A 5 9.34 20.81 -40.89
CA HIS A 5 8.28 21.79 -40.63
C HIS A 5 6.98 21.08 -40.22
N HIS A 6 6.11 21.77 -39.46
CA HIS A 6 4.87 21.18 -38.94
C HIS A 6 3.88 20.89 -40.06
N HIS A 7 3.40 19.64 -40.17
CA HIS A 7 2.41 19.38 -41.21
C HIS A 7 1.37 18.37 -40.74
N HIS A 8 0.46 18.04 -41.65
CA HIS A 8 -0.69 17.19 -41.35
C HIS A 8 -0.24 15.78 -41.04
N LYS A 9 -1.03 15.12 -40.20
CA LYS A 9 -0.89 13.70 -39.92
C LYS A 9 -2.28 13.10 -40.05
N LEU A 10 -2.37 11.93 -40.68
CA LEU A 10 -3.68 11.36 -40.97
C LEU A 10 -4.39 10.98 -39.69
N PRO A 11 -5.69 11.28 -39.57
CA PRO A 11 -6.40 10.98 -38.32
C PRO A 11 -6.46 9.47 -38.13
N GLU A 12 -5.94 8.99 -37.01
CA GLU A 12 -5.94 7.57 -36.72
C GLU A 12 -7.16 7.24 -35.87
N GLU A 13 -7.65 6.02 -36.04
CA GLU A 13 -8.68 5.59 -35.14
C GLU A 13 -8.11 5.51 -33.74
N GLN A 14 -9.00 5.56 -32.76
CA GLN A 14 -8.54 5.44 -31.39
C GLN A 14 -8.05 4.01 -31.16
N LYS A 15 -7.00 3.88 -30.37
CA LYS A 15 -6.41 2.57 -30.11
C LYS A 15 -6.21 2.38 -28.61
N VAL A 16 -6.30 1.13 -28.17
CA VAL A 16 -6.11 0.78 -26.77
C VAL A 16 -5.28 -0.50 -26.68
N LEU A 17 -4.30 -0.50 -25.79
CA LEU A 17 -3.54 -1.69 -25.41
C LEU A 17 -3.72 -1.91 -23.91
N VAL A 18 -4.32 -3.05 -23.54
CA VAL A 18 -4.50 -3.44 -22.14
C VAL A 18 -3.43 -4.45 -21.79
N VAL A 19 -2.65 -4.15 -20.76
CA VAL A 19 -1.59 -5.01 -20.28
C VAL A 19 -1.97 -5.50 -18.89
N SER A 20 -1.91 -6.81 -18.69
CA SER A 20 -2.14 -7.39 -17.37
C SER A 20 -0.86 -8.12 -16.94
N PHE A 21 -0.26 -7.62 -15.85
CA PHE A 21 0.78 -8.37 -15.13
C PHE A 21 0.07 -9.11 -14.04
N ASP A 22 -0.03 -10.44 -14.16
CA ASP A 22 -0.83 -11.22 -13.22
C ASP A 22 -0.37 -11.00 -11.79
N GLY A 23 -1.33 -10.79 -10.90
CA GLY A 23 -1.03 -10.76 -9.47
C GLY A 23 -0.24 -9.56 -9.05
N PHE A 24 -0.43 -8.42 -9.70
CA PHE A 24 0.33 -7.20 -9.37
C PHE A 24 -0.50 -6.40 -8.37
N ARG A 25 -0.24 -6.65 -7.09
CA ARG A 25 -0.93 -5.96 -6.01
C ARG A 25 -0.69 -4.45 -6.08
N TRP A 26 -1.73 -3.69 -5.76
CA TRP A 26 -1.70 -2.24 -5.91
C TRP A 26 -0.48 -1.55 -5.26
N ASP A 27 0.00 -2.06 -4.12
CA ASP A 27 1.10 -1.40 -3.40
C ASP A 27 2.49 -1.93 -3.78
N TYR A 28 2.56 -2.85 -4.74
CA TYR A 28 3.85 -3.36 -5.18
C TYR A 28 4.70 -2.26 -5.81
N LEU A 29 4.06 -1.21 -6.34
CA LEU A 29 4.74 -0.05 -6.89
C LEU A 29 5.76 0.55 -5.94
N TYR A 30 5.58 0.32 -4.64
CA TYR A 30 6.39 0.95 -3.62
C TYR A 30 7.37 0.01 -2.94
N LYS A 31 7.42 -1.25 -3.34
CA LYS A 31 8.34 -2.21 -2.71
CA LYS A 31 8.33 -2.19 -2.71
C LYS A 31 9.77 -1.99 -3.15
N VAL A 32 9.98 -1.42 -4.32
CA VAL A 32 11.29 -1.19 -4.92
C VAL A 32 11.13 0.01 -5.83
N PRO A 33 12.21 0.62 -6.29
CA PRO A 33 12.08 1.65 -7.31
C PRO A 33 11.38 1.05 -8.53
N THR A 34 10.35 1.75 -9.01
CA THR A 34 9.61 1.37 -10.21
C THR A 34 9.56 2.58 -11.15
N PRO A 35 10.71 2.94 -11.73
CA PRO A 35 10.77 4.17 -12.54
C PRO A 35 9.87 4.16 -13.76
N HIS A 36 9.63 3.00 -14.35
CA HIS A 36 8.80 2.97 -15.56
C HIS A 36 7.32 3.04 -15.21
N PHE A 37 6.89 2.37 -14.14
CA PHE A 37 5.55 2.62 -13.63
C PHE A 37 5.36 4.09 -13.28
N HIS A 38 6.37 4.70 -12.66
CA HIS A 38 6.24 6.09 -12.23
C HIS A 38 6.27 7.05 -13.42
N TYR A 39 6.96 6.67 -14.50
CA TYR A 39 6.93 7.47 -15.72
C TYR A 39 5.52 7.55 -16.28
N ILE A 40 4.82 6.41 -16.31
CA ILE A 40 3.41 6.41 -16.74
C ILE A 40 2.57 7.26 -15.79
N MET A 41 2.75 7.09 -14.48
CA MET A 41 2.00 7.90 -13.51
C MET A 41 2.21 9.39 -13.77
N LYS A 42 3.45 9.81 -13.92
CA LYS A 42 3.75 11.24 -14.08
C LYS A 42 3.16 11.78 -15.38
N ASN A 43 2.96 10.93 -16.40
CA ASN A 43 2.41 11.36 -17.66
C ASN A 43 1.03 10.76 -17.92
N GLY A 44 0.37 10.32 -16.88
CA GLY A 44 -0.86 9.57 -17.03
C GLY A 44 -1.72 9.58 -15.78
N VAL A 45 -2.50 8.53 -15.62
CA VAL A 45 -3.46 8.40 -14.55
C VAL A 45 -3.12 7.18 -13.73
N HIS A 46 -3.61 7.18 -12.50
CA HIS A 46 -3.32 6.16 -11.51
C HIS A 46 -4.52 6.09 -10.58
N VAL A 47 -5.02 4.90 -10.31
CA VAL A 47 -6.13 4.71 -9.36
C VAL A 47 -5.58 3.92 -8.18
N ASN A 48 -5.68 4.48 -6.96
CA ASN A 48 -5.14 3.79 -5.79
C ASN A 48 -5.82 2.45 -5.54
N GLN A 49 -7.15 2.44 -5.41
CA GLN A 49 -7.91 1.27 -4.93
C GLN A 49 -8.91 0.82 -5.99
N VAL A 50 -8.54 -0.26 -6.66
CA VAL A 50 -9.38 -0.93 -7.66
C VAL A 50 -10.07 -2.09 -6.98
N THR A 51 -11.39 -2.04 -6.88
CA THR A 51 -12.13 -3.17 -6.34
C THR A 51 -12.40 -4.10 -7.51
N ASN A 52 -11.80 -5.31 -7.47
CA ASN A 52 -11.95 -6.36 -8.48
C ASN A 52 -13.16 -7.22 -8.08
N VAL A 53 -13.29 -8.42 -8.62
CA VAL A 53 -14.49 -9.20 -8.39
C VAL A 53 -14.14 -10.46 -7.64
N PHE A 54 -15.10 -10.89 -6.85
CA PHE A 54 -15.04 -12.14 -6.14
C PHE A 54 -15.45 -13.28 -7.07
N ILE A 55 -14.78 -14.44 -7.04
CA ILE A 55 -13.56 -14.69 -6.27
C ILE A 55 -12.35 -14.03 -6.96
N THR A 56 -11.34 -13.66 -6.15
CA THR A 56 -10.26 -12.81 -6.66
C THR A 56 -9.17 -13.70 -7.26
N LYS A 57 -9.58 -14.46 -8.29
CA LYS A 57 -8.74 -15.38 -9.06
C LYS A 57 -8.64 -14.90 -10.52
N THR A 58 -7.74 -15.56 -11.26
CA THR A 58 -7.28 -15.07 -12.55
C THR A 58 -8.39 -15.10 -13.62
N TYR A 59 -9.03 -16.25 -13.80
CA TYR A 59 -9.97 -16.33 -14.94
C TYR A 59 -11.25 -15.52 -14.69
N PRO A 60 -11.83 -15.54 -13.49
CA PRO A 60 -12.98 -14.65 -13.24
C PRO A 60 -12.64 -13.19 -13.47
N ASN A 61 -11.45 -12.75 -13.01
CA ASN A 61 -11.18 -11.33 -13.08
C ASN A 61 -10.77 -10.86 -14.45
N HIS A 62 -10.06 -11.68 -15.23
CA HIS A 62 -9.77 -11.26 -16.60
C HIS A 62 -11.05 -11.23 -17.43
N TYR A 63 -11.98 -12.15 -17.19
CA TYR A 63 -13.21 -12.08 -18.00
C TYR A 63 -14.07 -10.89 -17.62
N THR A 64 -14.03 -10.46 -16.35
CA THR A 64 -14.70 -9.22 -15.96
C THR A 64 -14.11 -8.03 -16.69
N LEU A 65 -12.78 -8.00 -16.87
CA LEU A 65 -12.18 -6.86 -17.52
C LEU A 65 -12.68 -6.68 -18.95
N VAL A 66 -13.02 -7.78 -19.64
CA VAL A 66 -13.44 -7.72 -21.06
C VAL A 66 -14.95 -7.88 -21.25
N THR A 67 -15.73 -7.96 -20.17
CA THR A 67 -17.20 -8.01 -20.24
C THR A 67 -17.91 -6.96 -19.38
N GLY A 68 -17.27 -6.39 -18.35
CA GLY A 68 -17.93 -5.48 -17.45
C GLY A 68 -18.91 -6.13 -16.51
N LEU A 69 -18.89 -7.45 -16.39
CA LEU A 69 -19.85 -8.20 -15.60
C LEU A 69 -19.23 -8.77 -14.33
N PHE A 70 -20.08 -8.90 -13.31
CA PHE A 70 -19.79 -9.76 -12.17
C PHE A 70 -19.77 -11.21 -12.59
N ALA A 71 -19.11 -12.02 -11.78
CA ALA A 71 -18.86 -13.42 -12.15
C ALA A 71 -20.13 -14.24 -12.24
N GLU A 72 -21.14 -13.96 -11.39
CA GLU A 72 -22.37 -14.73 -11.52
C GLU A 72 -23.02 -14.50 -12.88
N ASN A 73 -22.73 -13.39 -13.54
CA ASN A 73 -23.28 -13.08 -14.85
C ASN A 73 -22.43 -13.60 -15.99
N HIS A 74 -21.09 -13.41 -15.95
CA HIS A 74 -20.33 -13.90 -17.10
C HIS A 74 -20.01 -15.39 -17.00
N GLY A 75 -20.22 -16.01 -15.86
CA GLY A 75 -20.18 -17.44 -15.70
C GLY A 75 -18.82 -18.04 -15.42
N ILE A 76 -17.76 -17.26 -15.52
CA ILE A 76 -16.43 -17.76 -15.17
C ILE A 76 -16.27 -17.47 -13.68
N VAL A 77 -16.86 -18.36 -12.88
CA VAL A 77 -16.95 -18.09 -11.43
C VAL A 77 -15.68 -18.51 -10.68
N ALA A 78 -14.84 -19.34 -11.28
CA ALA A 78 -13.61 -19.81 -10.65
C ALA A 78 -12.70 -20.34 -11.73
N ASN A 79 -11.45 -20.66 -11.33
CA ASN A 79 -10.51 -21.33 -12.23
C ASN A 79 -10.82 -22.81 -12.35
N ASP A 80 -11.54 -23.37 -11.38
CA ASP A 80 -11.97 -24.76 -11.38
C ASP A 80 -13.46 -24.76 -11.09
N MET A 81 -14.23 -25.35 -12.01
CA MET A 81 -15.69 -25.27 -11.95
C MET A 81 -16.28 -26.60 -12.39
N PHE A 82 -17.52 -26.79 -11.96
CA PHE A 82 -18.33 -27.90 -12.45
C PHE A 82 -19.68 -27.32 -12.82
N ASP A 83 -20.10 -27.55 -14.08
CA ASP A 83 -21.36 -27.04 -14.57
C ASP A 83 -22.34 -28.22 -14.64
N PRO A 84 -23.41 -28.21 -13.83
CA PRO A 84 -24.27 -29.41 -13.77
C PRO A 84 -25.16 -29.56 -14.98
N ILE A 85 -25.41 -28.51 -15.75
CA ILE A 85 -26.18 -28.67 -17.00
C ILE A 85 -25.30 -29.31 -18.06
N LEU A 86 -24.08 -28.78 -18.21
CA LEU A 86 -23.15 -29.38 -19.15
C LEU A 86 -22.68 -30.76 -18.70
N ASN A 87 -22.75 -31.04 -17.39
CA ASN A 87 -22.09 -32.19 -16.77
C ASN A 87 -20.63 -32.24 -17.20
N LYS A 88 -19.95 -31.08 -17.07
CA LYS A 88 -18.55 -30.96 -17.43
C LYS A 88 -17.81 -30.11 -16.40
N SER A 89 -16.53 -30.42 -16.23
CA SER A 89 -15.60 -29.62 -15.44
C SER A 89 -14.77 -28.70 -16.33
N PHE A 90 -14.25 -27.66 -15.69
CA PHE A 90 -13.33 -26.67 -16.24
C PHE A 90 -12.19 -26.58 -15.24
N SER A 91 -10.94 -26.61 -15.73
CA SER A 91 -9.81 -26.54 -14.80
C SER A 91 -8.62 -25.86 -15.46
N LEU A 92 -8.24 -24.72 -14.93
CA LEU A 92 -7.02 -24.05 -15.38
C LEU A 92 -5.80 -24.95 -15.23
N GLU A 93 -5.68 -25.65 -14.10
CA GLU A 93 -4.47 -26.41 -13.83
C GLU A 93 -4.27 -27.52 -14.84
N HIS A 94 -5.35 -28.03 -15.43
CA HIS A 94 -5.27 -29.04 -16.48
C HIS A 94 -5.33 -28.45 -17.88
N MET A 95 -5.23 -27.13 -17.99
CA MET A 95 -5.45 -26.41 -19.25
CA MET A 95 -5.48 -26.37 -19.22
C MET A 95 -6.77 -26.84 -19.91
N ASP A 96 -7.75 -27.24 -19.09
CA ASP A 96 -9.05 -27.70 -19.55
C ASP A 96 -10.05 -26.53 -19.52
N ILE A 97 -9.79 -25.58 -20.41
CA ILE A 97 -10.45 -24.29 -20.46
C ILE A 97 -11.12 -24.02 -21.79
N TYR A 98 -11.05 -24.95 -22.74
CA TYR A 98 -11.37 -24.66 -24.13
C TYR A 98 -12.80 -25.03 -24.52
N ASP A 99 -13.59 -25.54 -23.57
CA ASP A 99 -15.02 -25.78 -23.80
C ASP A 99 -15.72 -24.43 -23.90
N SER A 100 -16.08 -24.04 -25.13
CA SER A 100 -16.69 -22.75 -25.38
C SER A 100 -17.90 -22.47 -24.50
N LYS A 101 -18.66 -23.52 -24.15
CA LYS A 101 -19.88 -23.28 -23.37
C LYS A 101 -19.58 -22.72 -21.98
N PHE A 102 -18.38 -22.90 -21.45
CA PHE A 102 -18.08 -22.26 -20.17
C PHE A 102 -17.96 -20.74 -20.28
N TRP A 103 -17.73 -20.20 -21.49
CA TRP A 103 -17.50 -18.78 -21.74
C TRP A 103 -18.71 -18.05 -22.30
N GLU A 104 -19.71 -18.78 -22.78
CA GLU A 104 -20.69 -18.19 -23.67
C GLU A 104 -21.88 -17.55 -22.95
N GLU A 105 -21.85 -17.47 -21.61
CA GLU A 105 -22.86 -16.67 -20.92
C GLU A 105 -22.61 -15.18 -21.08
N ALA A 106 -21.48 -14.78 -21.67
CA ALA A 106 -21.18 -13.39 -21.96
C ALA A 106 -20.47 -13.31 -23.30
N THR A 107 -20.13 -12.10 -23.70
CA THR A 107 -19.45 -11.85 -24.96
C THR A 107 -18.27 -10.91 -24.69
N PRO A 108 -17.03 -11.36 -24.88
CA PRO A 108 -15.87 -10.48 -24.63
C PRO A 108 -15.77 -9.36 -25.65
N ILE A 109 -15.14 -8.28 -25.22
CA ILE A 109 -15.13 -7.05 -25.99
C ILE A 109 -14.48 -7.22 -27.36
N TRP A 110 -13.55 -8.18 -27.52
CA TRP A 110 -12.93 -8.30 -28.83
C TRP A 110 -13.95 -8.72 -29.88
N ILE A 111 -14.96 -9.51 -29.49
CA ILE A 111 -16.02 -9.88 -30.45
C ILE A 111 -16.84 -8.65 -30.84
N THR A 112 -17.21 -7.84 -29.85
CA THR A 112 -17.98 -6.63 -30.12
C THR A 112 -17.19 -5.67 -30.98
N ASN A 113 -15.90 -5.53 -30.69
CA ASN A 113 -15.01 -4.71 -31.48
C ASN A 113 -14.99 -5.16 -32.95
N GLN A 114 -14.96 -6.46 -33.17
CA GLN A 114 -14.83 -7.00 -34.51
C GLN A 114 -16.17 -6.99 -35.25
N ARG A 115 -17.28 -7.11 -34.52
CA ARG A 115 -18.59 -6.91 -35.13
C ARG A 115 -18.81 -5.48 -35.59
N ALA A 116 -18.08 -4.53 -35.01
CA ALA A 116 -18.11 -3.14 -35.48
C ALA A 116 -17.09 -2.86 -36.58
N GLY A 117 -16.43 -3.89 -37.12
CA GLY A 117 -15.54 -3.74 -38.25
C GLY A 117 -14.08 -3.58 -37.93
N HIS A 118 -13.68 -3.65 -36.66
CA HIS A 118 -12.29 -3.47 -36.26
C HIS A 118 -11.61 -4.84 -36.08
N ALA A 119 -10.30 -4.81 -35.81
CA ALA A 119 -9.52 -6.00 -35.55
C ALA A 119 -8.92 -5.92 -34.14
N SER A 120 -8.90 -7.04 -33.44
CA SER A 120 -8.29 -7.13 -32.10
C SER A 120 -7.15 -8.14 -32.11
N GLY A 121 -6.21 -7.96 -31.20
CA GLY A 121 -5.11 -8.90 -31.04
C GLY A 121 -4.88 -9.23 -29.58
N ALA A 122 -4.53 -10.48 -29.32
CA ALA A 122 -4.26 -10.95 -27.96
C ALA A 122 -2.99 -11.76 -27.89
N ALA A 123 -2.13 -11.43 -26.91
CA ALA A 123 -0.86 -12.12 -26.69
C ALA A 123 -0.89 -12.69 -25.27
N MET A 124 -1.51 -13.87 -25.15
CA MET A 124 -1.60 -14.78 -23.98
C MET A 124 -2.66 -14.36 -22.96
N TRP A 125 -3.53 -13.44 -23.31
CA TRP A 125 -4.59 -13.01 -22.42
C TRP A 125 -5.51 -14.18 -22.07
N PRO A 126 -5.78 -14.41 -20.79
CA PRO A 126 -6.67 -15.52 -20.40
C PRO A 126 -7.99 -15.52 -21.15
N GLY A 127 -8.29 -16.64 -21.79
CA GLY A 127 -9.52 -16.78 -22.54
C GLY A 127 -9.48 -16.29 -23.97
N ALA A 128 -8.42 -15.61 -24.40
CA ALA A 128 -8.42 -15.09 -25.76
C ALA A 128 -8.13 -16.13 -26.84
N ASP A 129 -7.63 -17.32 -26.49
CA ASP A 129 -7.41 -18.39 -27.46
C ASP A 129 -8.49 -19.43 -27.36
N VAL A 130 -9.64 -19.05 -26.85
CA VAL A 130 -10.82 -19.91 -26.76
C VAL A 130 -11.84 -19.42 -27.78
N LYS A 131 -12.46 -20.35 -28.48
CA LYS A 131 -13.55 -20.01 -29.39
C LYS A 131 -14.80 -19.69 -28.59
N ILE A 132 -15.31 -18.47 -28.76
CA ILE A 132 -16.46 -17.99 -28.01
C ILE A 132 -17.47 -17.43 -29.01
N HIS A 133 -18.68 -17.97 -29.01
CA HIS A 133 -19.69 -17.59 -29.99
C HIS A 133 -19.10 -17.72 -31.40
N ASP A 134 -18.39 -18.82 -31.63
CA ASP A 134 -17.77 -19.14 -32.92
C ASP A 134 -16.70 -18.13 -33.34
N SER A 135 -16.16 -17.33 -32.42
CA SER A 135 -15.21 -16.28 -32.76
C SER A 135 -13.99 -16.33 -31.87
N PHE A 136 -12.88 -15.87 -32.44
CA PHE A 136 -11.61 -15.58 -31.79
C PHE A 136 -11.31 -14.10 -31.97
N PRO A 137 -10.37 -13.55 -31.21
CA PRO A 137 -9.77 -12.28 -31.64
C PRO A 137 -9.22 -12.44 -33.06
N THR A 138 -9.17 -11.32 -33.79
CA THR A 138 -8.64 -11.33 -35.16
C THR A 138 -7.27 -11.99 -35.21
N TYR A 139 -6.41 -11.60 -34.28
CA TYR A 139 -5.10 -12.20 -34.12
C TYR A 139 -4.97 -12.68 -32.67
N TYR A 140 -4.47 -13.90 -32.50
CA TYR A 140 -4.16 -14.35 -31.14
C TYR A 140 -3.05 -15.39 -31.17
N LEU A 141 -2.44 -15.58 -30.00
CA LEU A 141 -1.46 -16.63 -29.78
C LEU A 141 -2.06 -17.79 -29.01
N PRO A 142 -1.86 -19.04 -29.41
CA PRO A 142 -2.23 -20.16 -28.52
C PRO A 142 -1.49 -19.99 -27.20
N TYR A 143 -2.19 -20.21 -26.09
CA TYR A 143 -1.57 -19.94 -24.80
C TYR A 143 -0.36 -20.83 -24.59
N ASN A 144 0.75 -20.20 -24.23
CA ASN A 144 1.98 -20.90 -23.93
C ASN A 144 2.82 -20.02 -22.99
N GLU A 145 2.89 -20.42 -21.73
CA GLU A 145 3.55 -19.61 -20.72
C GLU A 145 5.03 -19.45 -20.98
N SER A 146 5.64 -20.35 -21.75
CA SER A 146 7.08 -20.29 -22.03
CA SER A 146 7.07 -20.27 -22.01
C SER A 146 7.45 -19.20 -23.03
N VAL A 147 6.49 -18.61 -23.75
CA VAL A 147 6.81 -17.57 -24.71
C VAL A 147 7.27 -16.32 -23.96
N SER A 148 8.43 -15.80 -24.34
CA SER A 148 9.03 -14.68 -23.66
C SER A 148 8.14 -13.43 -23.72
N PHE A 149 8.37 -12.54 -22.76
CA PHE A 149 7.66 -11.27 -22.77
C PHE A 149 8.00 -10.48 -24.04
N GLU A 150 9.26 -10.53 -24.44
CA GLU A 150 9.70 -9.77 -25.61
C GLU A 150 9.03 -10.28 -26.89
N ASP A 151 8.79 -11.58 -26.98
CA ASP A 151 8.09 -12.10 -28.15
C ASP A 151 6.61 -11.74 -28.14
N ARG A 152 5.99 -11.71 -26.95
CA ARG A 152 4.60 -11.24 -26.86
C ARG A 152 4.49 -9.79 -27.31
N VAL A 153 5.41 -8.94 -26.84
CA VAL A 153 5.42 -7.53 -27.22
C VAL A 153 5.61 -7.40 -28.73
N ALA A 154 6.51 -8.21 -29.28
CA ALA A 154 6.79 -8.14 -30.71
C ALA A 154 5.53 -8.39 -31.53
N LYS A 155 4.73 -9.38 -31.11
CA LYS A 155 3.49 -9.66 -31.81
C LYS A 155 2.50 -8.51 -31.68
N ILE A 156 2.34 -7.96 -30.47
CA ILE A 156 1.44 -6.83 -30.27
C ILE A 156 1.81 -5.66 -31.19
N ILE A 157 3.09 -5.31 -31.21
CA ILE A 157 3.51 -4.19 -32.04
C ILE A 157 3.36 -4.54 -33.53
N GLU A 158 3.65 -5.78 -33.92
CA GLU A 158 3.39 -6.20 -35.31
C GLU A 158 1.93 -5.96 -35.66
N TRP A 159 1.01 -6.32 -34.75
CA TRP A 159 -0.41 -6.23 -35.05
C TRP A 159 -0.88 -4.79 -35.09
N PHE A 160 -0.36 -3.94 -34.21
CA PHE A 160 -0.76 -2.53 -34.23
C PHE A 160 -0.21 -1.81 -35.45
N THR A 161 0.80 -2.37 -36.12
CA THR A 161 1.44 -1.73 -37.26
C THR A 161 1.32 -2.58 -38.54
N ALA A 162 0.34 -3.48 -38.58
CA ALA A 162 0.19 -4.37 -39.72
C ALA A 162 -0.46 -3.62 -40.88
N LYS A 163 -0.46 -4.26 -42.06
CA LYS A 163 -1.18 -3.70 -43.19
CA LYS A 163 -1.18 -3.70 -43.19
C LYS A 163 -2.61 -3.37 -42.81
N ASP A 164 -3.24 -4.26 -42.02
CA ASP A 164 -4.60 -4.12 -41.49
C ASP A 164 -4.50 -4.10 -39.97
N PRO A 165 -4.27 -2.94 -39.37
CA PRO A 165 -3.87 -2.90 -37.96
C PRO A 165 -5.02 -3.11 -36.98
N ILE A 166 -4.67 -3.66 -35.83
CA ILE A 166 -5.63 -3.74 -34.72
C ILE A 166 -5.83 -2.37 -34.10
N ASN A 167 -7.01 -2.15 -33.52
CA ASN A 167 -7.24 -0.98 -32.67
C ASN A 167 -7.24 -1.35 -31.19
N LEU A 168 -7.23 -2.64 -30.87
CA LEU A 168 -7.42 -3.13 -29.51
C LEU A 168 -6.50 -4.31 -29.31
N GLY A 169 -5.58 -4.18 -28.36
CA GLY A 169 -4.66 -5.25 -28.03
C GLY A 169 -4.73 -5.63 -26.55
N PHE A 170 -4.43 -6.89 -26.29
CA PHE A 170 -4.37 -7.45 -24.94
C PHE A 170 -3.03 -8.17 -24.78
N LEU A 171 -2.30 -7.80 -23.75
CA LEU A 171 -1.00 -8.39 -23.47
C LEU A 171 -0.96 -8.88 -22.05
N TYR A 172 -0.43 -10.08 -21.84
CA TYR A 172 -0.49 -10.72 -20.54
C TYR A 172 0.86 -11.33 -20.19
N TRP A 173 1.20 -11.26 -18.90
CA TRP A 173 2.43 -11.82 -18.36
C TRP A 173 2.13 -12.41 -16.98
N GLU A 174 2.79 -13.54 -16.65
CA GLU A 174 2.42 -14.34 -15.50
C GLU A 174 3.05 -13.89 -14.19
N GLU A 175 3.99 -12.94 -14.23
CA GLU A 175 4.58 -12.36 -13.03
C GLU A 175 3.96 -11.01 -12.80
N PRO A 176 3.90 -10.56 -11.53
CA PRO A 176 4.56 -11.15 -10.35
C PRO A 176 3.76 -12.21 -9.58
N ASP A 177 2.65 -12.68 -10.16
CA ASP A 177 1.82 -13.70 -9.51
C ASP A 177 2.63 -14.94 -9.16
N ASP A 178 3.34 -15.53 -10.13
CA ASP A 178 3.99 -16.82 -9.89
C ASP A 178 5.00 -16.75 -8.75
N THR A 179 5.85 -15.73 -8.76
CA THR A 179 6.82 -15.62 -7.67
C THR A 179 6.14 -15.25 -6.34
N GLY A 180 5.09 -14.43 -6.39
CA GLY A 180 4.34 -14.14 -5.17
C GLY A 180 3.81 -15.38 -4.48
N HIS A 181 3.31 -16.35 -5.26
CA HIS A 181 2.89 -17.64 -4.69
C HIS A 181 4.05 -18.38 -4.05
N ASP A 182 5.20 -18.39 -4.73
CA ASP A 182 6.34 -19.20 -4.32
C ASP A 182 6.94 -18.70 -3.02
N VAL A 183 7.15 -17.39 -2.91
CA VAL A 183 7.89 -16.85 -1.78
C VAL A 183 7.01 -16.09 -0.81
N GLY A 184 5.78 -15.73 -1.20
CA GLY A 184 4.94 -14.90 -0.38
C GLY A 184 5.21 -13.42 -0.64
N PRO A 185 4.15 -12.61 -0.63
CA PRO A 185 4.32 -11.19 -0.95
C PRO A 185 5.13 -10.42 0.07
N ASP A 186 5.33 -10.94 1.26
CA ASP A 186 6.16 -10.25 2.25
C ASP A 186 7.64 -10.53 2.07
N SER A 187 7.99 -11.48 1.21
CA SER A 187 9.39 -11.83 1.03
C SER A 187 10.17 -10.68 0.41
N PRO A 188 11.39 -10.42 0.87
CA PRO A 188 12.23 -9.43 0.18
C PRO A 188 12.57 -9.83 -1.25
N LEU A 189 12.44 -11.10 -1.62
CA LEU A 189 12.62 -11.49 -3.01
C LEU A 189 11.57 -10.88 -3.95
N MET A 190 10.44 -10.41 -3.42
CA MET A 190 9.46 -9.77 -4.28
C MET A 190 10.02 -8.54 -4.95
N GLY A 191 10.98 -7.87 -4.30
CA GLY A 191 11.61 -6.70 -4.91
C GLY A 191 12.25 -7.02 -6.25
N SER A 192 12.91 -8.19 -6.34
CA SER A 192 13.57 -8.61 -7.57
C SER A 192 12.54 -8.79 -8.70
N VAL A 193 11.45 -9.50 -8.43
CA VAL A 193 10.47 -9.74 -9.49
C VAL A 193 9.74 -8.45 -9.86
N ILE A 194 9.43 -7.58 -8.89
CA ILE A 194 8.75 -6.31 -9.21
C ILE A 194 9.68 -5.43 -10.05
N SER A 195 10.95 -5.37 -9.69
CA SER A 195 11.90 -4.63 -10.49
CA SER A 195 11.91 -4.63 -10.49
C SER A 195 11.96 -5.19 -11.90
N ASP A 196 11.95 -6.51 -12.03
CA ASP A 196 11.98 -7.09 -13.37
C ASP A 196 10.74 -6.72 -14.18
N VAL A 197 9.56 -6.76 -13.53
CA VAL A 197 8.33 -6.37 -14.21
C VAL A 197 8.40 -4.91 -14.62
N ASP A 198 8.94 -4.04 -13.76
CA ASP A 198 9.11 -2.65 -14.15
C ASP A 198 10.04 -2.54 -15.37
N HIS A 199 11.11 -3.34 -15.41
CA HIS A 199 12.00 -3.36 -16.57
CA HIS A 199 11.99 -3.35 -16.57
C HIS A 199 11.24 -3.80 -17.83
N LYS A 200 10.41 -4.82 -17.70
CA LYS A 200 9.60 -5.27 -18.85
C LYS A 200 8.64 -4.19 -19.32
N LEU A 201 8.04 -3.46 -18.39
CA LEU A 201 7.20 -2.32 -18.78
C LEU A 201 8.01 -1.29 -19.54
N GLY A 202 9.21 -0.97 -19.04
CA GLY A 202 10.09 -0.07 -19.77
C GLY A 202 10.43 -0.57 -21.17
N TYR A 203 10.64 -1.88 -21.32
CA TYR A 203 10.86 -2.46 -22.65
C TYR A 203 9.65 -2.21 -23.54
N LEU A 204 8.44 -2.48 -23.03
CA LEU A 204 7.24 -2.20 -23.79
C LEU A 204 7.15 -0.73 -24.20
N ILE A 205 7.41 0.19 -23.24
CA ILE A 205 7.37 1.62 -23.54
C ILE A 205 8.37 1.95 -24.65
N LYS A 206 9.58 1.41 -24.55
CA LYS A 206 10.61 1.68 -25.55
C LYS A 206 10.19 1.19 -26.94
N MET A 207 9.61 0.00 -26.99
CA MET A 207 9.17 -0.54 -28.28
C MET A 207 7.98 0.25 -28.83
N LEU A 208 7.07 0.70 -27.97
CA LEU A 208 5.97 1.52 -28.44
C LEU A 208 6.48 2.84 -29.02
N LYS A 209 7.48 3.43 -28.37
CA LYS A 209 8.08 4.66 -28.90
C LYS A 209 8.79 4.41 -30.24
N ARG A 210 9.58 3.32 -30.32
CA ARG A 210 10.30 2.98 -31.55
CA ARG A 210 10.30 2.98 -31.55
C ARG A 210 9.35 2.77 -32.72
N ALA A 211 8.16 2.18 -32.45
CA ALA A 211 7.16 1.93 -33.48
C ALA A 211 6.28 3.13 -33.76
N LYS A 212 6.52 4.25 -33.08
CA LYS A 212 5.73 5.48 -33.26
C LYS A 212 4.27 5.28 -32.85
N LEU A 213 4.06 4.45 -31.82
CA LEU A 213 2.74 4.19 -31.25
C LEU A 213 2.54 4.88 -29.91
N TRP A 214 3.60 5.36 -29.27
CA TRP A 214 3.51 5.77 -27.88
C TRP A 214 2.49 6.87 -27.67
N ASN A 215 2.44 7.84 -28.58
CA ASN A 215 1.53 8.93 -28.38
C ASN A 215 0.18 8.75 -29.06
N ASN A 216 -0.09 7.61 -29.68
CA ASN A 216 -1.42 7.40 -30.23
C ASN A 216 -2.12 6.14 -29.72
N VAL A 217 -1.48 5.33 -28.90
CA VAL A 217 -2.14 4.19 -28.26
C VAL A 217 -2.43 4.57 -26.81
N ASN A 218 -3.65 4.32 -26.38
CA ASN A 218 -3.96 4.42 -24.95
C ASN A 218 -3.52 3.14 -24.27
N LEU A 219 -2.44 3.23 -23.48
CA LEU A 219 -1.86 2.10 -22.77
C LEU A 219 -2.45 2.02 -21.37
N ILE A 220 -3.10 0.90 -21.07
CA ILE A 220 -3.71 0.65 -19.76
C ILE A 220 -2.95 -0.51 -19.15
N VAL A 221 -2.39 -0.28 -17.96
CA VAL A 221 -1.60 -1.30 -17.27
C VAL A 221 -2.33 -1.66 -15.98
N THR A 222 -2.72 -2.91 -15.85
CA THR A 222 -3.49 -3.31 -14.67
C THR A 222 -3.17 -4.76 -14.33
N SER A 223 -4.06 -5.39 -13.55
CA SER A 223 -3.88 -6.75 -13.13
C SER A 223 -5.23 -7.28 -12.73
N ASP A 224 -5.26 -8.56 -12.37
CA ASP A 224 -6.47 -9.26 -12.01
C ASP A 224 -6.74 -9.31 -10.50
N HIS A 225 -5.69 -9.25 -9.70
CA HIS A 225 -5.82 -9.40 -8.25
C HIS A 225 -4.43 -9.17 -7.65
N GLY A 226 -4.41 -9.10 -6.33
CA GLY A 226 -3.16 -9.00 -5.54
C GLY A 226 -2.74 -10.34 -5.00
N MET A 227 -2.29 -10.33 -3.75
CA MET A 227 -1.64 -11.49 -3.15
C MET A 227 -1.54 -11.22 -1.65
N THR A 228 -1.69 -12.27 -0.84
CA THR A 228 -1.54 -12.15 0.60
CA THR A 228 -1.54 -12.18 0.60
C THR A 228 -0.65 -13.30 1.14
N GLN A 229 0.02 -13.02 2.25
CA GLN A 229 0.93 -13.97 2.86
C GLN A 229 0.18 -15.06 3.62
N CYS A 230 0.55 -16.31 3.33
CA CYS A 230 0.03 -17.50 3.99
C CYS A 230 1.12 -18.11 4.87
N SER A 231 0.71 -19.07 5.68
CA SER A 231 1.56 -19.68 6.70
C SER A 231 1.06 -21.07 7.02
N LYS A 232 2.00 -21.98 7.23
CA LYS A 232 1.62 -23.29 7.73
C LYS A 232 1.01 -23.22 9.13
N GLN A 233 1.15 -22.11 9.84
CA GLN A 233 0.43 -21.94 11.11
C GLN A 233 -1.02 -21.48 10.91
N ARG A 234 -1.44 -21.20 9.67
CA ARG A 234 -2.81 -20.74 9.38
C ARG A 234 -3.43 -21.66 8.33
N VAL A 235 -3.76 -22.85 8.76
CA VAL A 235 -4.32 -23.88 7.91
CA VAL A 235 -4.34 -23.87 7.90
C VAL A 235 -5.61 -24.40 8.54
N ILE A 236 -6.63 -24.58 7.69
CA ILE A 236 -7.88 -25.27 8.04
C ILE A 236 -7.88 -26.57 7.26
N GLU A 237 -7.89 -27.71 7.96
CA GLU A 237 -7.80 -29.03 7.35
C GLU A 237 -9.18 -29.69 7.35
N LEU A 238 -9.77 -29.83 6.16
CA LEU A 238 -11.15 -30.28 6.05
C LEU A 238 -11.36 -31.69 6.59
N ASP A 239 -10.37 -32.58 6.43
CA ASP A 239 -10.57 -33.94 6.90
C ASP A 239 -10.53 -34.07 8.42
N ARG A 240 -10.23 -32.98 9.14
CA ARG A 240 -10.44 -32.96 10.57
C ARG A 240 -11.92 -32.83 10.90
N TYR A 241 -12.74 -32.44 9.94
CA TYR A 241 -14.16 -32.26 10.18
C TYR A 241 -15.06 -33.09 9.28
N LEU A 242 -14.61 -33.47 8.09
CA LEU A 242 -15.49 -34.02 7.06
C LEU A 242 -14.95 -35.35 6.56
N ASP A 243 -15.86 -36.28 6.30
CA ASP A 243 -15.51 -37.53 5.64
C ASP A 243 -15.34 -37.27 4.14
N LYS A 244 -14.12 -37.45 3.64
CA LYS A 244 -13.82 -37.19 2.23
C LYS A 244 -14.77 -37.95 1.30
N GLU A 245 -15.29 -39.09 1.75
CA GLU A 245 -16.19 -39.87 0.89
C GLU A 245 -17.55 -39.22 0.68
N HIS A 246 -17.91 -38.21 1.47
CA HIS A 246 -19.27 -37.70 1.48
C HIS A 246 -19.44 -36.38 0.73
N TYR A 247 -18.41 -35.90 0.05
CA TYR A 247 -18.53 -34.69 -0.75
C TYR A 247 -17.46 -34.70 -1.83
N THR A 248 -17.64 -33.83 -2.81
CA THR A 248 -16.63 -33.57 -3.84
C THR A 248 -16.15 -32.13 -3.69
N LEU A 249 -14.84 -31.92 -3.72
CA LEU A 249 -14.26 -30.59 -3.61
C LEU A 249 -13.98 -30.08 -5.03
N ILE A 250 -14.81 -29.14 -5.48
CA ILE A 250 -14.74 -28.63 -6.86
C ILE A 250 -13.61 -27.61 -7.02
N ASP A 251 -13.33 -26.83 -5.97
CA ASP A 251 -12.27 -25.83 -5.96
C ASP A 251 -11.79 -25.79 -4.52
N HIS A 252 -10.49 -25.61 -4.29
CA HIS A 252 -9.96 -25.90 -2.97
C HIS A 252 -9.77 -24.72 -2.02
N SER A 253 -8.89 -23.79 -2.34
CA SER A 253 -8.54 -22.71 -1.39
C SER A 253 -8.27 -21.43 -2.12
N PRO A 254 -8.65 -20.29 -1.50
CA PRO A 254 -9.27 -20.09 -0.19
C PRO A 254 -10.81 -20.07 -0.23
N VAL A 255 -11.40 -20.38 -1.38
CA VAL A 255 -12.86 -20.49 -1.49
C VAL A 255 -13.16 -21.93 -1.87
N ALA A 256 -13.53 -22.72 -0.88
CA ALA A 256 -13.78 -24.14 -1.10
C ALA A 256 -15.21 -24.28 -1.63
N ALA A 257 -15.33 -24.79 -2.83
CA ALA A 257 -16.61 -25.03 -3.48
C ALA A 257 -16.94 -26.51 -3.26
N ILE A 258 -17.95 -26.76 -2.43
CA ILE A 258 -18.22 -28.08 -1.86
C ILE A 258 -19.55 -28.59 -2.40
N LEU A 259 -19.51 -29.78 -2.98
CA LEU A 259 -20.69 -30.45 -3.54
C LEU A 259 -20.95 -31.70 -2.70
N PRO A 260 -21.85 -31.66 -1.72
CA PRO A 260 -22.10 -32.87 -0.91
C PRO A 260 -22.67 -33.98 -1.76
N LYS A 261 -22.32 -35.21 -1.42
CA LYS A 261 -22.90 -36.33 -2.14
C LYS A 261 -24.37 -36.48 -1.78
N GLU A 262 -25.04 -37.34 -2.55
CA GLU A 262 -26.47 -37.56 -2.39
C GLU A 262 -26.82 -37.80 -0.93
N GLY A 263 -27.65 -36.91 -0.38
CA GLY A 263 -28.19 -37.02 0.95
C GLY A 263 -27.27 -36.59 2.07
N LYS A 264 -26.05 -36.13 1.74
CA LYS A 264 -25.07 -35.76 2.74
C LYS A 264 -24.98 -34.25 2.94
N PHE A 265 -25.93 -33.49 2.40
CA PHE A 265 -25.85 -32.04 2.49
C PHE A 265 -25.81 -31.59 3.94
N ASP A 266 -26.83 -31.97 4.73
CA ASP A 266 -26.89 -31.44 6.09
C ASP A 266 -25.76 -31.98 6.94
N GLU A 267 -25.29 -33.20 6.65
CA GLU A 267 -24.14 -33.72 7.36
C GLU A 267 -22.91 -32.82 7.14
N VAL A 268 -22.67 -32.46 5.87
CA VAL A 268 -21.49 -31.68 5.53
C VAL A 268 -21.60 -30.27 6.08
N TYR A 269 -22.73 -29.62 5.86
CA TYR A 269 -22.92 -28.28 6.40
C TYR A 269 -22.78 -28.27 7.91
N ASP A 270 -23.46 -29.20 8.59
CA ASP A 270 -23.44 -29.20 10.05
C ASP A 270 -22.05 -29.46 10.58
N ALA A 271 -21.30 -30.37 9.95
CA ALA A 271 -19.95 -30.67 10.40
C ALA A 271 -19.00 -29.49 10.20
N LEU A 272 -19.19 -28.71 9.14
CA LEU A 272 -18.23 -27.66 8.79
C LEU A 272 -18.61 -26.26 9.30
N ALA A 273 -19.90 -25.90 9.37
CA ALA A 273 -20.25 -24.55 9.75
C ALA A 273 -19.85 -24.28 11.21
N GLY A 274 -19.11 -23.20 11.45
CA GLY A 274 -18.55 -22.93 12.77
C GLY A 274 -17.46 -23.88 13.24
N ALA A 275 -17.00 -24.81 12.40
CA ALA A 275 -15.94 -25.71 12.83
C ALA A 275 -14.64 -24.96 13.11
N HIS A 276 -14.37 -23.88 12.35
CA HIS A 276 -13.12 -23.12 12.51
C HIS A 276 -13.46 -21.64 12.39
N PRO A 277 -12.93 -20.78 13.27
CA PRO A 277 -13.35 -19.37 13.23
C PRO A 277 -12.94 -18.63 11.98
N ASN A 278 -11.91 -19.11 11.29
CA ASN A 278 -11.45 -18.43 10.08
C ASN A 278 -11.93 -19.10 8.81
N LEU A 279 -12.94 -19.96 8.91
CA LEU A 279 -13.59 -20.52 7.72
C LEU A 279 -15.09 -20.26 7.82
N THR A 280 -15.59 -19.36 6.98
CA THR A 280 -17.01 -19.02 7.00
C THR A 280 -17.73 -19.87 5.97
N VAL A 281 -18.68 -20.67 6.43
CA VAL A 281 -19.37 -21.63 5.59
C VAL A 281 -20.72 -21.02 5.22
N TYR A 282 -20.96 -20.86 3.92
CA TYR A 282 -22.19 -20.31 3.39
C TYR A 282 -22.94 -21.40 2.63
N LYS A 283 -24.24 -21.51 2.90
CA LYS A 283 -25.08 -22.13 1.91
C LYS A 283 -25.21 -21.18 0.73
N LYS A 284 -25.31 -21.76 -0.46
CA LYS A 284 -25.36 -20.94 -1.67
C LYS A 284 -26.27 -19.74 -1.49
N GLU A 285 -27.50 -19.95 -0.99
CA GLU A 285 -28.45 -18.86 -0.92
C GLU A 285 -28.05 -17.80 0.09
N GLU A 286 -27.17 -18.11 1.05
CA GLU A 286 -26.69 -17.16 2.06
C GLU A 286 -25.46 -16.39 1.61
N ILE A 287 -24.96 -16.62 0.41
CA ILE A 287 -23.70 -15.99 0.03
C ILE A 287 -23.90 -14.47 0.01
N PRO A 288 -22.99 -13.69 0.58
CA PRO A 288 -23.17 -12.23 0.56
C PRO A 288 -23.52 -11.67 -0.81
N GLU A 289 -24.57 -10.83 -0.81
CA GLU A 289 -25.00 -10.16 -2.04
C GLU A 289 -23.89 -9.29 -2.63
N ARG A 290 -23.05 -8.68 -1.79
CA ARG A 290 -22.04 -7.76 -2.29
C ARG A 290 -21.01 -8.45 -3.17
N TRP A 291 -20.88 -9.77 -3.09
CA TRP A 291 -19.94 -10.50 -3.95
C TRP A 291 -20.51 -10.78 -5.34
N HIS A 292 -21.83 -10.66 -5.50
CA HIS A 292 -22.47 -10.90 -6.81
C HIS A 292 -21.98 -12.21 -7.40
N TYR A 293 -22.13 -13.25 -6.61
CA TYR A 293 -21.51 -14.51 -6.91
C TYR A 293 -22.52 -15.65 -7.08
N LYS A 294 -23.67 -15.57 -6.43
CA LYS A 294 -24.53 -16.74 -6.16
C LYS A 294 -25.54 -17.10 -7.25
N HIS A 295 -25.89 -16.18 -8.16
CA HIS A 295 -26.95 -16.45 -9.14
C HIS A 295 -26.38 -17.14 -10.38
N ASN A 296 -25.93 -18.37 -10.17
CA ASN A 296 -25.32 -19.12 -11.26
C ASN A 296 -25.23 -20.58 -10.86
N ASP A 297 -25.61 -21.50 -11.77
CA ASP A 297 -25.61 -22.90 -11.39
C ASP A 297 -24.19 -23.47 -11.22
N ARG A 298 -23.14 -22.72 -11.56
CA ARG A 298 -21.78 -23.17 -11.26
C ARG A 298 -21.34 -22.83 -9.84
N VAL A 299 -22.15 -22.12 -9.07
CA VAL A 299 -21.86 -21.92 -7.65
C VAL A 299 -22.41 -23.11 -6.92
N GLN A 300 -21.55 -23.80 -6.18
CA GLN A 300 -21.91 -25.07 -5.58
C GLN A 300 -22.81 -24.86 -4.36
N PRO A 301 -23.43 -25.94 -3.86
CA PRO A 301 -24.41 -25.78 -2.78
C PRO A 301 -23.82 -25.23 -1.49
N ILE A 302 -22.54 -25.45 -1.23
CA ILE A 302 -21.85 -24.92 -0.07
C ILE A 302 -20.56 -24.26 -0.56
N VAL A 303 -20.32 -23.04 -0.09
CA VAL A 303 -19.09 -22.30 -0.39
C VAL A 303 -18.50 -21.90 0.96
N ALA A 304 -17.28 -22.36 1.24
CA ALA A 304 -16.60 -22.08 2.50
C ALA A 304 -15.40 -21.17 2.22
N VAL A 305 -15.40 -19.99 2.83
CA VAL A 305 -14.46 -18.93 2.50
C VAL A 305 -13.49 -18.75 3.66
N ALA A 306 -12.21 -18.94 3.38
CA ALA A 306 -11.17 -18.69 4.38
C ALA A 306 -10.89 -17.19 4.52
N ASP A 307 -10.64 -16.76 5.76
CA ASP A 307 -10.21 -15.40 6.01
C ASP A 307 -8.81 -15.15 5.41
N GLU A 308 -8.52 -13.87 5.20
CA GLU A 308 -7.24 -13.45 4.62
C GLU A 308 -6.07 -14.15 5.28
N GLY A 309 -5.20 -14.74 4.44
CA GLY A 309 -3.98 -15.38 4.89
C GLY A 309 -4.13 -16.77 5.45
N TRP A 310 -5.33 -17.35 5.40
CA TRP A 310 -5.60 -18.72 5.80
C TRP A 310 -5.69 -19.62 4.57
N TYR A 311 -5.29 -20.88 4.77
CA TYR A 311 -5.27 -21.89 3.71
C TYR A 311 -6.19 -23.04 4.05
N ILE A 312 -6.96 -23.46 3.06
CA ILE A 312 -7.82 -24.63 3.20
C ILE A 312 -7.11 -25.81 2.56
N LEU A 313 -6.85 -26.85 3.33
CA LEU A 313 -6.24 -28.07 2.85
C LEU A 313 -7.25 -29.17 3.07
N GLN A 314 -7.48 -29.99 2.05
CA GLN A 314 -8.44 -31.07 2.24
C GLN A 314 -7.86 -32.14 3.13
N ASN A 315 -6.57 -32.46 2.96
CA ASN A 315 -5.87 -33.29 3.91
C ASN A 315 -4.43 -32.79 3.98
N LYS A 316 -3.64 -33.47 4.82
CA LYS A 316 -2.30 -32.97 5.14
C LYS A 316 -1.40 -32.88 3.92
N SER A 317 -1.72 -33.55 2.82
CA SER A 317 -0.88 -33.46 1.63
C SER A 317 -1.43 -32.49 0.58
N ASP A 318 -2.47 -31.72 0.89
CA ASP A 318 -2.98 -30.80 -0.11
C ASP A 318 -1.94 -29.69 -0.35
N ASP A 319 -2.14 -28.93 -1.42
CA ASP A 319 -1.17 -27.92 -1.83
C ASP A 319 -1.13 -26.78 -0.83
N PHE A 320 0.07 -26.22 -0.64
CA PHE A 320 0.29 -25.03 0.20
C PHE A 320 1.29 -24.11 -0.49
N LEU A 321 0.98 -22.82 -0.51
CA LEU A 321 1.81 -21.79 -1.10
C LEU A 321 1.95 -20.66 -0.10
N LEU A 322 3.13 -20.03 -0.05
CA LEU A 322 3.36 -18.91 0.84
C LEU A 322 2.60 -17.66 0.45
N GLY A 323 2.20 -17.52 -0.80
CA GLY A 323 1.31 -16.44 -1.23
C GLY A 323 0.06 -17.04 -1.85
N ASN A 324 -1.09 -16.41 -1.61
CA ASN A 324 -2.28 -16.79 -2.35
C ASN A 324 -3.25 -15.63 -2.40
N HIS A 325 -4.28 -15.82 -3.24
CA HIS A 325 -5.33 -14.84 -3.46
C HIS A 325 -6.61 -15.62 -3.76
N GLY A 326 -7.68 -14.90 -3.97
CA GLY A 326 -9.02 -15.50 -4.07
C GLY A 326 -9.97 -15.08 -2.97
N TYR A 327 -9.43 -14.43 -1.92
CA TYR A 327 -10.16 -13.95 -0.76
C TYR A 327 -11.16 -12.86 -1.14
N ASP A 328 -12.00 -12.52 -0.18
CA ASP A 328 -12.92 -11.39 -0.22
C ASP A 328 -12.36 -10.20 -1.01
N ASN A 329 -13.08 -9.77 -2.06
CA ASN A 329 -12.62 -8.65 -2.88
C ASN A 329 -12.70 -7.31 -2.17
N ALA A 330 -13.24 -7.21 -0.95
CA ALA A 330 -13.16 -5.99 -0.17
C ALA A 330 -11.78 -5.78 0.42
N LEU A 331 -10.98 -6.82 0.49
CA LEU A 331 -9.64 -6.77 1.10
C LEU A 331 -8.65 -6.04 0.20
N ALA A 332 -7.98 -5.04 0.79
CA ALA A 332 -7.01 -4.25 0.04
C ALA A 332 -5.92 -5.11 -0.61
N GLU A 333 -5.45 -6.17 0.06
CA GLU A 333 -4.37 -6.99 -0.49
C GLU A 333 -4.79 -7.75 -1.75
N MET A 334 -6.09 -7.90 -1.97
CA MET A 334 -6.59 -8.51 -3.21
C MET A 334 -6.70 -7.52 -4.36
N HIS A 335 -6.47 -6.25 -4.12
CA HIS A 335 -6.71 -5.25 -5.16
C HIS A 335 -5.51 -5.07 -6.10
N PRO A 336 -5.77 -4.98 -7.41
CA PRO A 336 -4.71 -4.79 -8.41
C PRO A 336 -4.32 -3.33 -8.67
N ILE A 337 -3.14 -3.15 -9.26
CA ILE A 337 -2.77 -1.83 -9.79
C ILE A 337 -3.70 -1.43 -10.92
N PHE A 338 -3.77 -0.12 -11.17
CA PHE A 338 -4.34 0.42 -12.40
C PHE A 338 -3.66 1.75 -12.71
N LEU A 339 -3.06 1.85 -13.90
CA LEU A 339 -2.52 3.09 -14.40
C LEU A 339 -2.65 3.11 -15.92
N ALA A 340 -2.59 4.30 -16.49
CA ALA A 340 -2.81 4.43 -17.93
C ALA A 340 -2.11 5.66 -18.46
N HIS A 341 -1.74 5.60 -19.73
CA HIS A 341 -1.16 6.72 -20.46
C HIS A 341 -1.68 6.73 -21.88
N GLY A 342 -2.00 7.92 -22.40
CA GLY A 342 -2.35 8.04 -23.80
C GLY A 342 -3.12 9.30 -24.10
N PRO A 343 -3.41 9.52 -25.40
CA PRO A 343 -4.07 10.76 -25.81
C PRO A 343 -5.44 10.95 -25.19
N ALA A 344 -6.13 9.87 -24.83
CA ALA A 344 -7.44 10.01 -24.22
C ALA A 344 -7.36 10.31 -22.72
N PHE A 345 -6.19 10.13 -22.09
CA PHE A 345 -6.05 10.16 -20.65
C PHE A 345 -5.39 11.43 -20.16
N ARG A 346 -5.80 11.86 -18.96
CA ARG A 346 -5.19 12.98 -18.26
C ARG A 346 -3.73 12.66 -17.93
N LYS A 347 -2.98 13.69 -17.55
CA LYS A 347 -1.57 13.54 -17.21
C LYS A 347 -1.37 13.92 -15.75
N ASN A 348 -0.62 13.10 -15.03
CA ASN A 348 -0.25 13.35 -13.62
C ASN A 348 -1.49 13.49 -12.74
N PHE A 349 -2.50 12.64 -12.99
CA PHE A 349 -3.75 12.60 -12.25
C PHE A 349 -3.84 11.32 -11.43
N THR A 350 -4.25 11.45 -10.17
CA THR A 350 -4.47 10.32 -9.29
C THR A 350 -5.89 10.37 -8.75
N LYS A 351 -6.57 9.24 -8.83
CA LYS A 351 -7.93 9.05 -8.36
C LYS A 351 -7.90 7.95 -7.29
N GLU A 352 -8.76 8.07 -6.27
CA GLU A 352 -8.70 7.14 -5.14
C GLU A 352 -9.20 5.74 -5.52
N ALA A 353 -10.32 5.64 -6.24
CA ALA A 353 -10.93 4.32 -6.37
C ALA A 353 -11.62 4.11 -7.71
N MET A 354 -11.71 2.85 -8.10
CA MET A 354 -12.59 2.45 -9.20
C MET A 354 -13.00 1.01 -8.98
N ASN A 355 -14.03 0.61 -9.69
CA ASN A 355 -14.42 -0.79 -9.75
C ASN A 355 -13.89 -1.38 -11.05
N SER A 356 -13.36 -2.61 -10.98
CA SER A 356 -12.82 -3.20 -12.19
C SER A 356 -13.91 -3.50 -13.23
N THR A 357 -15.16 -3.65 -12.81
CA THR A 357 -16.28 -3.75 -13.75
C THR A 357 -16.45 -2.49 -14.61
N ASP A 358 -15.80 -1.38 -14.26
CA ASP A 358 -15.93 -0.15 -15.05
C ASP A 358 -15.01 -0.12 -16.26
N LEU A 359 -13.96 -0.93 -16.28
CA LEU A 359 -13.01 -0.86 -17.39
C LEU A 359 -13.70 -1.14 -18.72
N TYR A 360 -14.57 -2.15 -18.77
CA TYR A 360 -15.27 -2.48 -20.01
C TYR A 360 -15.99 -1.26 -20.58
N SER A 361 -16.68 -0.50 -19.74
CA SER A 361 -17.38 0.68 -20.26
C SER A 361 -16.38 1.75 -20.72
N LEU A 362 -15.22 1.84 -20.06
CA LEU A 362 -14.19 2.76 -20.51
C LEU A 362 -13.63 2.36 -21.89
N LEU A 363 -13.37 1.06 -22.06
CA LEU A 363 -12.85 0.57 -23.34
C LEU A 363 -13.84 0.82 -24.46
N CYS A 364 -15.11 0.50 -24.22
CA CYS A 364 -16.14 0.72 -25.23
C CYS A 364 -16.24 2.19 -25.60
N HIS A 365 -16.14 3.08 -24.60
CA HIS A 365 -16.16 4.51 -24.90
C HIS A 365 -14.97 4.90 -25.77
N LEU A 366 -13.76 4.46 -25.37
CA LEU A 366 -12.56 4.85 -26.11
C LEU A 366 -12.60 4.36 -27.55
N LEU A 367 -13.21 3.20 -27.80
CA LEU A 367 -13.20 2.62 -29.14
C LEU A 367 -14.48 2.92 -29.90
N ASN A 368 -15.38 3.72 -29.32
CA ASN A 368 -16.65 4.04 -29.96
C ASN A 368 -17.46 2.78 -30.29
N LEU A 369 -17.55 1.88 -29.31
CA LEU A 369 -18.35 0.67 -29.42
C LEU A 369 -19.62 0.82 -28.60
N THR A 370 -20.67 0.10 -29.01
CA THR A 370 -21.88 0.02 -28.19
C THR A 370 -21.69 -1.12 -27.18
N ALA A 371 -21.59 -0.75 -25.91
CA ALA A 371 -21.37 -1.72 -24.85
C ALA A 371 -22.56 -2.66 -24.73
N LEU A 372 -22.29 -3.95 -24.54
CA LEU A 372 -23.35 -4.87 -24.19
C LEU A 372 -23.73 -4.64 -22.73
N PRO A 373 -24.88 -5.16 -22.28
CA PRO A 373 -25.31 -4.86 -20.91
C PRO A 373 -24.24 -5.29 -19.92
N HIS A 374 -23.96 -4.44 -18.93
CA HIS A 374 -22.83 -4.66 -18.04
C HIS A 374 -23.15 -4.11 -16.65
N ASN A 375 -22.22 -4.27 -15.71
CA ASN A 375 -22.42 -3.87 -14.33
C ASN A 375 -21.64 -2.66 -13.92
N GLY A 376 -20.87 -2.06 -14.82
CA GLY A 376 -20.06 -0.90 -14.51
C GLY A 376 -20.77 0.37 -14.92
N SER A 377 -20.02 1.48 -14.87
CA SER A 377 -20.60 2.76 -15.23
C SER A 377 -19.48 3.64 -15.74
N PHE A 378 -19.61 4.09 -16.99
CA PHE A 378 -18.64 5.02 -17.55
C PHE A 378 -18.55 6.30 -16.73
N TRP A 379 -19.67 6.75 -16.17
CA TRP A 379 -19.64 8.00 -15.42
C TRP A 379 -18.71 7.91 -14.23
N ASN A 380 -18.51 6.71 -13.67
CA ASN A 380 -17.57 6.55 -12.56
C ASN A 380 -16.12 6.81 -12.95
N VAL A 381 -15.77 6.65 -14.24
CA VAL A 381 -14.38 6.72 -14.70
C VAL A 381 -14.15 7.84 -15.70
N GLN A 382 -15.18 8.61 -16.05
CA GLN A 382 -15.01 9.65 -17.06
C GLN A 382 -13.98 10.69 -16.64
N ASP A 383 -13.73 10.85 -15.33
CA ASP A 383 -12.74 11.83 -14.89
C ASP A 383 -11.29 11.39 -15.10
N LEU A 384 -11.05 10.16 -15.56
CA LEU A 384 -9.71 9.77 -16.00
C LEU A 384 -9.34 10.39 -17.35
N LEU A 385 -10.32 10.87 -18.11
CA LEU A 385 -10.10 11.26 -19.51
C LEU A 385 -9.79 12.74 -19.67
N SER A 386 -9.01 13.07 -20.70
CA SER A 386 -8.57 14.44 -20.93
C SER A 386 -9.71 15.31 -21.45
N GLN B 14 -5.13 32.64 8.55
CA GLN B 14 -5.53 31.24 8.61
C GLN B 14 -5.19 30.63 9.97
N LYS B 15 -5.86 29.54 10.29
CA LYS B 15 -5.57 28.73 11.47
C LYS B 15 -5.24 27.30 11.02
N VAL B 16 -4.42 26.62 11.82
CA VAL B 16 -3.98 25.26 11.48
C VAL B 16 -3.99 24.41 12.74
N LEU B 17 -4.57 23.22 12.66
CA LEU B 17 -4.44 22.17 13.66
C LEU B 17 -3.70 20.99 13.01
N VAL B 18 -2.56 20.60 13.58
CA VAL B 18 -1.80 19.43 13.13
C VAL B 18 -2.05 18.30 14.13
N VAL B 19 -2.56 17.16 13.63
CA VAL B 19 -2.77 15.98 14.43
C VAL B 19 -1.77 14.91 14.00
N SER B 20 -1.08 14.35 14.98
CA SER B 20 -0.23 13.18 14.76
C SER B 20 -0.78 11.98 15.51
N PHE B 21 -1.17 10.94 14.78
CA PHE B 21 -1.43 9.65 15.36
C PHE B 21 -0.15 8.86 15.18
N ASP B 22 0.55 8.60 16.28
CA ASP B 22 1.88 8.00 16.21
C ASP B 22 1.81 6.66 15.48
N GLY B 23 2.73 6.48 14.53
CA GLY B 23 2.89 5.16 13.92
C GLY B 23 1.75 4.77 13.00
N PHE B 24 1.15 5.74 12.33
CA PHE B 24 0.02 5.50 11.41
C PHE B 24 0.58 5.33 10.00
N ARG B 25 0.93 4.09 9.67
CA ARG B 25 1.46 3.76 8.36
C ARG B 25 0.46 4.15 7.26
N TRP B 26 1.00 4.66 6.15
CA TRP B 26 0.21 5.21 5.05
C TRP B 26 -0.90 4.29 4.54
N ASP B 27 -0.71 2.96 4.55
CA ASP B 27 -1.71 2.02 4.01
C ASP B 27 -2.68 1.49 5.05
N TYR B 28 -2.56 1.94 6.32
CA TYR B 28 -3.48 1.50 7.35
C TYR B 28 -4.91 1.92 7.02
N LEU B 29 -5.06 3.01 6.25
CA LEU B 29 -6.39 3.48 5.84
C LEU B 29 -7.19 2.40 5.12
N TYR B 30 -6.51 1.37 4.61
CA TYR B 30 -7.12 0.34 3.79
C TYR B 30 -7.24 -0.99 4.51
N LYS B 31 -6.78 -1.08 5.75
CA LYS B 31 -6.89 -2.33 6.49
C LYS B 31 -8.29 -2.59 6.99
N VAL B 32 -9.06 -1.53 7.26
CA VAL B 32 -10.44 -1.66 7.75
C VAL B 32 -11.20 -0.47 7.18
N PRO B 33 -12.52 -0.44 7.26
CA PRO B 33 -13.21 0.78 6.84
C PRO B 33 -12.74 1.93 7.71
N THR B 34 -12.41 3.05 7.07
CA THR B 34 -11.98 4.27 7.76
C THR B 34 -12.85 5.42 7.26
N PRO B 35 -14.15 5.41 7.61
CA PRO B 35 -15.06 6.40 7.03
C PRO B 35 -14.70 7.84 7.39
N HIS B 36 -14.11 8.09 8.56
CA HIS B 36 -13.79 9.47 8.90
C HIS B 36 -12.55 9.95 8.18
N PHE B 37 -11.52 9.11 8.06
CA PHE B 37 -10.41 9.46 7.19
C PHE B 37 -10.90 9.69 5.77
N HIS B 38 -11.78 8.82 5.28
CA HIS B 38 -12.27 8.96 3.90
C HIS B 38 -13.15 10.20 3.74
N TYR B 39 -13.85 10.62 4.80
CA TYR B 39 -14.57 11.90 4.76
C TYR B 39 -13.61 13.06 4.55
N ILE B 40 -12.48 13.07 5.25
CA ILE B 40 -11.49 14.12 5.02
C ILE B 40 -10.95 14.07 3.59
N MET B 41 -10.65 12.88 3.11
CA MET B 41 -10.12 12.73 1.76
C MET B 41 -11.10 13.29 0.72
N LYS B 42 -12.36 12.88 0.80
CA LYS B 42 -13.37 13.31 -0.17
C LYS B 42 -13.52 14.83 -0.17
N ASN B 43 -13.36 15.45 1.00
CA ASN B 43 -13.52 16.89 1.14
C ASN B 43 -12.19 17.61 1.31
N GLY B 44 -11.08 16.95 0.98
CA GLY B 44 -9.77 17.52 1.21
C GLY B 44 -8.68 16.91 0.33
N VAL B 45 -7.46 16.85 0.88
CA VAL B 45 -6.28 16.39 0.16
C VAL B 45 -5.69 15.15 0.83
N HIS B 46 -4.94 14.39 0.03
CA HIS B 46 -4.36 13.12 0.44
C HIS B 46 -3.07 12.95 -0.35
N VAL B 47 -1.98 12.63 0.34
CA VAL B 47 -0.69 12.36 -0.30
C VAL B 47 -0.37 10.89 -0.07
N ASN B 48 -0.15 10.13 -1.16
CA ASN B 48 0.07 8.68 -1.04
C ASN B 48 1.35 8.38 -0.29
N GLN B 49 2.48 8.95 -0.72
CA GLN B 49 3.80 8.52 -0.24
C GLN B 49 4.55 9.73 0.33
N VAL B 50 4.59 9.77 1.65
CA VAL B 50 5.32 10.78 2.41
C VAL B 50 6.67 10.21 2.81
N THR B 51 7.76 10.77 2.29
CA THR B 51 9.09 10.34 2.71
C THR B 51 9.44 11.11 3.98
N ASN B 52 9.49 10.40 5.09
CA ASN B 52 9.86 10.99 6.37
C ASN B 52 11.38 10.95 6.48
N VAL B 53 11.94 11.18 7.68
CA VAL B 53 13.38 11.28 7.84
C VAL B 53 13.93 10.09 8.60
N PHE B 54 15.17 9.77 8.28
CA PHE B 54 15.97 8.75 8.95
C PHE B 54 16.58 9.37 10.21
N ILE B 55 16.60 8.68 11.36
CA ILE B 55 15.98 7.39 11.58
C ILE B 55 14.49 7.57 11.75
N THR B 56 13.72 6.55 11.34
CA THR B 56 12.25 6.67 11.28
C THR B 56 11.65 6.36 12.66
N LYS B 57 12.06 7.18 13.63
CA LYS B 57 11.59 7.15 15.00
C LYS B 57 10.82 8.42 15.37
N THR B 58 10.20 8.37 16.53
CA THR B 58 9.20 9.37 16.95
C THR B 58 9.80 10.77 17.15
N TYR B 59 10.84 10.90 17.98
CA TYR B 59 11.28 12.26 18.31
C TYR B 59 12.01 12.91 17.14
N PRO B 60 12.88 12.19 16.39
CA PRO B 60 13.43 12.81 15.17
C PRO B 60 12.35 13.26 14.22
N ASN B 61 11.31 12.45 14.00
CA ASN B 61 10.40 12.85 12.96
C ASN B 61 9.45 13.95 13.40
N HIS B 62 9.02 13.96 14.64
CA HIS B 62 8.14 15.06 15.06
C HIS B 62 8.88 16.39 15.03
N TYR B 63 10.18 16.39 15.34
CA TYR B 63 10.89 17.67 15.33
C TYR B 63 11.11 18.14 13.90
N THR B 64 11.26 17.21 12.94
CA THR B 64 11.31 17.59 11.54
C THR B 64 10.02 18.28 11.14
N LEU B 65 8.89 17.77 11.60
CA LEU B 65 7.61 18.36 11.20
C LEU B 65 7.53 19.83 11.61
N VAL B 66 8.15 20.22 12.72
CA VAL B 66 8.02 21.58 13.22
C VAL B 66 9.27 22.43 12.98
N THR B 67 10.25 21.89 12.23
CA THR B 67 11.45 22.65 11.84
C THR B 67 11.76 22.62 10.34
N GLY B 68 11.25 21.65 9.59
CA GLY B 68 11.59 21.52 8.18
C GLY B 68 13.01 21.05 7.93
N LEU B 69 13.68 20.53 8.95
CA LEU B 69 15.07 20.11 8.88
C LEU B 69 15.24 18.60 8.94
N PHE B 70 16.31 18.14 8.29
CA PHE B 70 16.81 16.79 8.51
C PHE B 70 17.41 16.66 9.92
N ALA B 71 17.51 15.41 10.38
CA ALA B 71 17.89 15.18 11.77
C ALA B 71 19.30 15.64 12.07
N GLU B 72 20.22 15.53 11.10
CA GLU B 72 21.58 16.00 11.35
C GLU B 72 21.62 17.49 11.59
N ASN B 73 20.60 18.23 11.14
CA ASN B 73 20.53 19.67 11.36
C ASN B 73 19.73 20.04 12.62
N HIS B 74 18.58 19.44 12.86
CA HIS B 74 17.87 19.86 14.07
C HIS B 74 18.38 19.16 15.33
N GLY B 75 19.23 18.14 15.21
CA GLY B 75 19.94 17.59 16.36
C GLY B 75 19.22 16.54 17.17
N ILE B 76 17.94 16.28 16.91
CA ILE B 76 17.22 15.21 17.59
C ILE B 76 17.36 14.00 16.67
N VAL B 77 18.53 13.35 16.77
CA VAL B 77 18.87 12.28 15.83
C VAL B 77 18.29 10.92 16.24
N ALA B 78 17.86 10.75 17.47
CA ALA B 78 17.29 9.49 17.92
C ALA B 78 16.47 9.76 19.16
N ASN B 79 15.71 8.76 19.61
CA ASN B 79 15.04 8.84 20.90
C ASN B 79 15.99 8.63 22.07
N ASP B 80 17.16 8.05 21.81
CA ASP B 80 18.20 7.82 22.80
C ASP B 80 19.51 8.31 22.20
N MET B 81 20.18 9.23 22.91
CA MET B 81 21.30 9.94 22.32
C MET B 81 22.37 10.16 23.38
N PHE B 82 23.59 10.32 22.89
CA PHE B 82 24.70 10.75 23.72
C PHE B 82 25.43 11.86 22.96
N ASP B 83 25.57 13.03 23.60
CA ASP B 83 26.23 14.18 22.99
C ASP B 83 27.60 14.28 23.64
N PRO B 84 28.68 14.00 22.90
CA PRO B 84 30.01 13.94 23.52
C PRO B 84 30.64 15.31 23.78
N ILE B 85 30.16 16.37 23.12
CA ILE B 85 30.60 17.72 23.49
C ILE B 85 29.91 18.17 24.78
N LEU B 86 28.59 18.04 24.85
CA LEU B 86 27.88 18.33 26.09
C LEU B 86 28.22 17.32 27.18
N ASN B 87 28.64 16.12 26.79
CA ASN B 87 28.78 15.01 27.69
C ASN B 87 27.49 14.76 28.47
N LYS B 88 26.38 14.61 27.75
CA LYS B 88 25.09 14.34 28.36
C LYS B 88 24.32 13.35 27.50
N SER B 89 23.42 12.60 28.14
CA SER B 89 22.55 11.64 27.48
C SER B 89 21.11 12.15 27.46
N PHE B 90 20.33 11.54 26.58
CA PHE B 90 18.94 11.89 26.31
C PHE B 90 18.24 10.56 26.11
N SER B 91 17.11 10.34 26.78
CA SER B 91 16.46 9.03 26.71
C SER B 91 14.95 9.19 26.86
N LEU B 92 14.24 8.92 25.77
CA LEU B 92 12.78 8.92 25.82
C LEU B 92 12.24 7.91 26.84
N GLU B 93 12.79 6.70 26.84
CA GLU B 93 12.29 5.64 27.71
C GLU B 93 12.35 6.05 29.18
N HIS B 94 13.27 6.92 29.54
CA HIS B 94 13.40 7.40 30.91
C HIS B 94 12.78 8.78 31.09
N MET B 95 12.01 9.23 30.10
CA MET B 95 11.47 10.59 30.08
CA MET B 95 11.48 10.59 30.03
CA MET B 95 11.48 10.60 30.06
C MET B 95 12.56 11.62 30.36
N ASP B 96 13.79 11.31 29.93
CA ASP B 96 14.92 12.21 30.13
C ASP B 96 15.14 12.98 28.82
N ILE B 97 14.18 13.86 28.56
CA ILE B 97 14.06 14.61 27.32
C ILE B 97 14.08 16.12 27.53
N TYR B 98 14.22 16.59 28.78
CA TYR B 98 13.95 17.99 29.11
C TYR B 98 15.19 18.86 29.17
N ASP B 99 16.36 18.33 28.83
CA ASP B 99 17.54 19.18 28.71
C ASP B 99 17.41 19.98 27.43
N SER B 100 17.14 21.28 27.59
CA SER B 100 16.93 22.20 26.47
C SER B 100 18.05 22.15 25.44
N LYS B 101 19.28 21.87 25.86
CA LYS B 101 20.41 21.87 24.93
C LYS B 101 20.26 20.80 23.84
N PHE B 102 19.53 19.74 24.13
CA PHE B 102 19.32 18.73 23.08
C PHE B 102 18.43 19.24 21.96
N TRP B 103 17.65 20.30 22.21
CA TRP B 103 16.68 20.79 21.24
C TRP B 103 17.10 22.06 20.54
N GLU B 104 18.14 22.75 21.04
CA GLU B 104 18.38 24.13 20.65
C GLU B 104 19.24 24.28 19.41
N GLU B 105 19.54 23.20 18.69
CA GLU B 105 20.15 23.39 17.38
C GLU B 105 19.14 23.85 16.33
N ALA B 106 17.84 23.84 16.66
CA ALA B 106 16.83 24.37 15.77
C ALA B 106 15.81 25.14 16.61
N THR B 107 14.79 25.69 15.97
CA THR B 107 13.73 26.43 16.63
C THR B 107 12.39 25.92 16.10
N PRO B 108 11.57 25.29 16.94
CA PRO B 108 10.28 24.80 16.47
C PRO B 108 9.32 25.92 16.12
N ILE B 109 8.37 25.58 15.24
CA ILE B 109 7.55 26.61 14.61
C ILE B 109 6.70 27.37 15.63
N TRP B 110 6.34 26.77 16.78
CA TRP B 110 5.49 27.51 17.72
C TRP B 110 6.21 28.74 18.25
N ILE B 111 7.54 28.68 18.38
CA ILE B 111 8.30 29.85 18.82
C ILE B 111 8.23 30.94 17.78
N THR B 112 8.51 30.59 16.52
CA THR B 112 8.42 31.55 15.43
C THR B 112 7.03 32.15 15.36
N ASN B 113 5.99 31.30 15.50
CA ASN B 113 4.62 31.78 15.50
C ASN B 113 4.42 32.85 16.57
N GLN B 114 4.93 32.60 17.77
CA GLN B 114 4.71 33.49 18.90
C GLN B 114 5.57 34.75 18.81
N ARG B 115 6.77 34.65 18.24
CA ARG B 115 7.53 35.86 17.97
C ARG B 115 6.79 36.77 17.02
N ALA B 116 6.02 36.20 16.10
CA ALA B 116 5.20 36.98 15.18
C ALA B 116 3.96 37.55 15.84
N GLY B 117 3.73 37.25 17.11
CA GLY B 117 2.60 37.81 17.83
C GLY B 117 1.41 36.89 18.00
N HIS B 118 1.48 35.64 17.55
CA HIS B 118 0.36 34.71 17.65
C HIS B 118 0.55 33.80 18.86
N ALA B 119 -0.46 32.97 19.13
CA ALA B 119 -0.41 32.01 20.22
C ALA B 119 -0.48 30.58 19.68
N SER B 120 0.31 29.67 20.25
CA SER B 120 0.28 28.26 19.87
C SER B 120 -0.23 27.41 21.03
N GLY B 121 -0.80 26.26 20.71
CA GLY B 121 -1.19 25.28 21.72
C GLY B 121 -0.76 23.88 21.35
N ALA B 122 -0.37 23.10 22.37
CA ALA B 122 0.11 21.74 22.15
C ALA B 122 -0.47 20.81 23.19
N ALA B 123 -1.08 19.72 22.73
CA ALA B 123 -1.66 18.68 23.57
C ALA B 123 -0.90 17.37 23.33
N MET B 124 0.21 17.23 24.05
CA MET B 124 1.07 16.05 24.16
C MET B 124 2.00 15.87 22.97
N TRP B 125 2.17 16.89 22.14
CA TRP B 125 3.10 16.78 21.02
C TRP B 125 4.54 16.61 21.51
N PRO B 126 5.28 15.63 20.99
CA PRO B 126 6.67 15.45 21.44
C PRO B 126 7.49 16.73 21.38
N GLY B 127 8.09 17.08 22.51
CA GLY B 127 8.92 18.26 22.61
C GLY B 127 8.17 19.52 22.94
N ALA B 128 6.85 19.49 22.96
CA ALA B 128 6.09 20.71 23.23
C ALA B 128 6.14 21.14 24.69
N ASP B 129 6.40 20.23 25.62
CA ASP B 129 6.51 20.58 27.04
C ASP B 129 7.95 20.71 27.49
N VAL B 130 8.84 21.05 26.56
CA VAL B 130 10.26 21.24 26.82
C VAL B 130 10.57 22.71 26.60
N LYS B 131 11.33 23.29 27.52
CA LYS B 131 11.77 24.66 27.35
C LYS B 131 12.87 24.70 26.31
N ILE B 132 12.67 25.52 25.29
CA ILE B 132 13.56 25.58 24.13
C ILE B 132 13.76 27.05 23.81
N HIS B 133 15.01 27.51 23.84
CA HIS B 133 15.30 28.92 23.66
C HIS B 133 14.48 29.75 24.64
N ASP B 134 14.35 29.23 25.86
CA ASP B 134 13.66 29.89 26.98
C ASP B 134 12.17 30.07 26.74
N SER B 135 11.58 29.23 25.87
CA SER B 135 10.20 29.40 25.46
C SER B 135 9.46 28.07 25.47
N PHE B 136 8.15 28.16 25.70
CA PHE B 136 7.19 27.07 25.54
C PHE B 136 6.12 27.51 24.53
N PRO B 137 5.31 26.59 24.01
CA PRO B 137 4.07 27.03 23.36
C PRO B 137 3.27 27.87 24.35
N THR B 138 2.48 28.80 23.82
CA THR B 138 1.63 29.65 24.66
C THR B 138 0.82 28.80 25.64
N TYR B 139 0.18 27.74 25.14
CA TYR B 139 -0.50 26.75 25.95
C TYR B 139 0.09 25.37 25.66
N TYR B 140 0.28 24.58 26.71
CA TYR B 140 0.75 23.20 26.50
C TYR B 140 0.37 22.38 27.72
N LEU B 141 0.30 21.07 27.51
CA LEU B 141 0.08 20.11 28.57
C LEU B 141 1.37 19.43 28.96
N PRO B 142 1.65 19.22 30.26
CA PRO B 142 2.79 18.37 30.61
C PRO B 142 2.55 16.99 30.04
N TYR B 143 3.58 16.39 29.44
CA TYR B 143 3.32 15.14 28.72
C TYR B 143 2.79 14.10 29.69
N ASN B 144 1.69 13.45 29.34
CA ASN B 144 1.13 12.40 30.18
C ASN B 144 0.32 11.45 29.32
N GLU B 145 0.87 10.27 29.07
CA GLU B 145 0.25 9.34 28.13
C GLU B 145 -1.15 8.92 28.58
N SER B 146 -1.46 9.04 29.88
CA SER B 146 -2.75 8.59 30.40
C SER B 146 -3.90 9.52 30.10
N VAL B 147 -3.63 10.76 29.68
CA VAL B 147 -4.72 11.70 29.38
C VAL B 147 -5.46 11.20 28.15
N SER B 148 -6.78 11.15 28.25
CA SER B 148 -7.63 10.60 27.21
C SER B 148 -7.54 11.45 25.95
N PHE B 149 -7.85 10.82 24.81
CA PHE B 149 -7.92 11.56 23.56
C PHE B 149 -8.96 12.66 23.67
N GLU B 150 -10.10 12.34 24.27
CA GLU B 150 -11.20 13.30 24.39
C GLU B 150 -10.77 14.52 25.21
N ASP B 151 -9.98 14.30 26.27
CA ASP B 151 -9.49 15.44 27.06
C ASP B 151 -8.47 16.26 26.29
N ARG B 152 -7.65 15.60 25.45
CA ARG B 152 -6.72 16.35 24.62
C ARG B 152 -7.46 17.21 23.62
N VAL B 153 -8.48 16.65 22.97
CA VAL B 153 -9.29 17.42 22.04
C VAL B 153 -9.96 18.61 22.76
N ALA B 154 -10.51 18.36 23.92
CA ALA B 154 -11.18 19.44 24.69
C ALA B 154 -10.27 20.63 24.88
N LYS B 155 -9.02 20.40 25.26
CA LYS B 155 -8.05 21.47 25.41
C LYS B 155 -7.82 22.20 24.10
N ILE B 156 -7.55 21.44 23.02
CA ILE B 156 -7.34 22.08 21.73
C ILE B 156 -8.53 22.99 21.39
N ILE B 157 -9.74 22.49 21.58
CA ILE B 157 -10.92 23.26 21.19
C ILE B 157 -11.04 24.48 22.09
N GLU B 158 -10.75 24.30 23.38
CA GLU B 158 -10.75 25.43 24.31
C GLU B 158 -9.77 26.51 23.85
N TRP B 159 -8.57 26.10 23.44
CA TRP B 159 -7.54 27.05 23.07
C TRP B 159 -7.87 27.79 21.79
N PHE B 160 -8.52 27.11 20.81
CA PHE B 160 -8.88 27.78 19.58
C PHE B 160 -10.00 28.79 19.79
N THR B 161 -10.73 28.68 20.90
CA THR B 161 -11.87 29.57 21.16
C THR B 161 -11.70 30.41 22.41
N ALA B 162 -10.47 30.50 22.92
CA ALA B 162 -10.23 31.16 24.21
C ALA B 162 -10.22 32.67 24.06
N LYS B 163 -10.10 33.37 25.23
CA LYS B 163 -9.96 34.81 25.22
C LYS B 163 -8.76 35.26 24.40
N ASP B 164 -7.63 34.55 24.52
CA ASP B 164 -6.44 34.77 23.73
C ASP B 164 -6.26 33.51 22.87
N PRO B 165 -6.94 33.41 21.74
CA PRO B 165 -7.05 32.13 21.04
C PRO B 165 -5.82 31.81 20.20
N ILE B 166 -5.58 30.52 20.05
CA ILE B 166 -4.43 30.10 19.25
C ILE B 166 -4.80 30.11 17.77
N ASN B 167 -3.79 30.30 16.92
CA ASN B 167 -3.92 30.08 15.49
C ASN B 167 -3.27 28.76 15.04
N LEU B 168 -2.55 28.10 15.94
CA LEU B 168 -1.72 26.93 15.61
C LEU B 168 -1.82 25.94 16.76
N GLY B 169 -2.42 24.77 16.50
CA GLY B 169 -2.54 23.73 17.49
C GLY B 169 -1.82 22.47 17.04
N PHE B 170 -1.33 21.70 18.02
CA PHE B 170 -0.69 20.39 17.83
C PHE B 170 -1.38 19.39 18.75
N LEU B 171 -1.87 18.31 18.18
CA LEU B 171 -2.54 17.26 18.94
C LEU B 171 -1.85 15.94 18.65
N TYR B 172 -1.57 15.17 19.67
CA TYR B 172 -0.80 13.94 19.54
C TYR B 172 -1.52 12.82 20.27
N TRP B 173 -1.44 11.62 19.70
CA TRP B 173 -2.00 10.40 20.26
C TRP B 173 -1.05 9.24 19.94
N GLU B 174 -0.94 8.31 20.88
CA GLU B 174 0.10 7.29 20.87
C GLU B 174 -0.26 6.03 20.10
N GLU B 175 -1.51 5.92 19.64
CA GLU B 175 -1.96 4.84 18.76
C GLU B 175 -2.05 5.38 17.33
N PRO B 176 -1.81 4.52 16.33
CA PRO B 176 -1.71 3.05 16.44
C PRO B 176 -0.28 2.47 16.66
N ASP B 177 0.68 3.32 16.98
CA ASP B 177 2.04 2.87 17.26
C ASP B 177 2.09 1.82 18.38
N ASP B 178 1.47 2.12 19.53
CA ASP B 178 1.65 1.24 20.69
C ASP B 178 1.17 -0.17 20.38
N THR B 179 -0.05 -0.30 19.83
CA THR B 179 -0.55 -1.64 19.51
C THR B 179 0.23 -2.26 18.35
N GLY B 180 0.62 -1.44 17.37
CA GLY B 180 1.46 -1.95 16.29
C GLY B 180 2.71 -2.64 16.79
N HIS B 181 3.38 -2.04 17.78
CA HIS B 181 4.53 -2.72 18.40
C HIS B 181 4.13 -4.04 19.02
N ASP B 182 2.99 -4.07 19.73
CA ASP B 182 2.66 -5.24 20.57
C ASP B 182 2.25 -6.43 19.73
N VAL B 183 1.40 -6.21 18.72
CA VAL B 183 0.84 -7.33 17.97
C VAL B 183 1.48 -7.48 16.60
N GLY B 184 2.13 -6.44 16.06
CA GLY B 184 2.68 -6.45 14.73
C GLY B 184 1.68 -5.92 13.71
N PRO B 185 2.15 -5.15 12.72
CA PRO B 185 1.21 -4.54 11.78
C PRO B 185 0.48 -5.53 10.90
N ASP B 186 0.95 -6.79 10.80
CA ASP B 186 0.25 -7.81 10.02
C ASP B 186 -0.85 -8.50 10.82
N SER B 187 -0.93 -8.24 12.12
CA SER B 187 -1.92 -8.89 12.95
C SER B 187 -3.31 -8.46 12.52
N PRO B 188 -4.26 -9.39 12.44
CA PRO B 188 -5.65 -8.99 12.23
C PRO B 188 -6.17 -8.11 13.35
N LEU B 189 -5.52 -8.10 14.52
CA LEU B 189 -5.94 -7.17 15.58
C LEU B 189 -5.64 -5.70 15.23
N MET B 190 -4.78 -5.43 14.27
CA MET B 190 -4.53 -4.03 13.91
C MET B 190 -5.78 -3.35 13.41
N GLY B 191 -6.66 -4.10 12.76
CA GLY B 191 -7.91 -3.52 12.31
C GLY B 191 -8.66 -2.82 13.44
N SER B 192 -8.69 -3.46 14.61
CA SER B 192 -9.42 -2.91 15.75
C SER B 192 -8.86 -1.56 16.18
N VAL B 193 -7.53 -1.43 16.24
CA VAL B 193 -6.99 -0.16 16.71
C VAL B 193 -7.08 0.88 15.62
N ILE B 194 -6.92 0.51 14.35
CA ILE B 194 -7.08 1.48 13.28
C ILE B 194 -8.52 1.98 13.28
N SER B 195 -9.48 1.07 13.46
CA SER B 195 -10.88 1.49 13.53
CA SER B 195 -10.88 1.48 13.54
C SER B 195 -11.11 2.44 14.71
N ASP B 196 -10.53 2.14 15.87
CA ASP B 196 -10.63 3.05 17.01
C ASP B 196 -10.04 4.42 16.69
N VAL B 197 -8.87 4.46 16.02
CA VAL B 197 -8.30 5.76 15.66
C VAL B 197 -9.23 6.52 14.71
N ASP B 198 -9.82 5.82 13.74
CA ASP B 198 -10.77 6.46 12.85
C ASP B 198 -11.96 7.01 13.65
N HIS B 199 -12.45 6.26 14.65
CA HIS B 199 -13.50 6.77 15.53
CA HIS B 199 -13.51 6.77 15.52
C HIS B 199 -13.06 8.04 16.25
N LYS B 200 -11.81 8.07 16.73
CA LYS B 200 -11.31 9.24 17.44
C LYS B 200 -11.21 10.44 16.52
N LEU B 201 -10.76 10.22 15.29
CA LEU B 201 -10.77 11.28 14.30
C LEU B 201 -12.20 11.80 14.09
N GLY B 202 -13.16 10.88 14.07
CA GLY B 202 -14.56 11.31 13.90
C GLY B 202 -15.03 12.17 15.06
N TYR B 203 -14.56 11.85 16.27
CA TYR B 203 -14.87 12.66 17.46
C TYR B 203 -14.28 14.06 17.32
N LEU B 204 -13.02 14.15 16.90
CA LEU B 204 -12.41 15.44 16.65
C LEU B 204 -13.22 16.23 15.63
N ILE B 205 -13.56 15.60 14.51
CA ILE B 205 -14.34 16.31 13.50
C ILE B 205 -15.64 16.83 14.09
N LYS B 206 -16.37 15.96 14.80
CA LYS B 206 -17.63 16.37 15.41
C LYS B 206 -17.42 17.54 16.34
N MET B 207 -16.35 17.51 17.16
CA MET B 207 -16.11 18.59 18.11
C MET B 207 -15.72 19.89 17.40
N LEU B 208 -14.99 19.80 16.28
CA LEU B 208 -14.69 21.00 15.49
C LEU B 208 -15.96 21.62 14.89
N LYS B 209 -16.85 20.79 14.36
CA LYS B 209 -18.11 21.28 13.83
C LYS B 209 -18.93 21.97 14.93
N ARG B 210 -19.08 21.30 16.09
CA ARG B 210 -19.86 21.86 17.19
C ARG B 210 -19.32 23.19 17.65
N ALA B 211 -18.00 23.38 17.59
CA ALA B 211 -17.37 24.62 17.97
C ALA B 211 -17.28 25.62 16.84
N LYS B 212 -17.87 25.32 15.67
CA LYS B 212 -17.86 26.22 14.51
C LYS B 212 -16.44 26.54 14.08
N LEU B 213 -15.56 25.52 14.17
CA LEU B 213 -14.20 25.60 13.71
C LEU B 213 -13.94 24.77 12.46
N TRP B 214 -14.84 23.84 12.15
CA TRP B 214 -14.60 22.88 11.06
C TRP B 214 -14.24 23.59 9.75
N ASN B 215 -14.96 24.67 9.41
CA ASN B 215 -14.72 25.29 8.12
C ASN B 215 -13.77 26.48 8.21
N ASN B 216 -13.18 26.72 9.38
CA ASN B 216 -12.29 27.84 9.61
C ASN B 216 -10.88 27.45 9.99
N VAL B 217 -10.65 26.19 10.36
CA VAL B 217 -9.33 25.71 10.74
C VAL B 217 -8.88 24.74 9.67
N ASN B 218 -7.64 24.86 9.27
CA ASN B 218 -7.04 23.86 8.38
C ASN B 218 -6.54 22.71 9.22
N LEU B 219 -7.14 21.55 9.02
CA LEU B 219 -6.85 20.36 9.80
C LEU B 219 -5.90 19.49 8.97
N ILE B 220 -4.73 19.23 9.52
CA ILE B 220 -3.73 18.36 8.89
C ILE B 220 -3.59 17.13 9.78
N VAL B 221 -3.80 15.95 9.20
CA VAL B 221 -3.74 14.70 9.92
C VAL B 221 -2.57 13.90 9.34
N THR B 222 -1.58 13.60 10.17
CA THR B 222 -0.42 12.90 9.65
C THR B 222 0.16 12.05 10.77
N SER B 223 1.42 11.66 10.61
CA SER B 223 2.09 10.78 11.56
C SER B 223 3.59 10.93 11.37
N ASP B 224 4.33 10.26 12.23
CA ASP B 224 5.79 10.37 12.22
C ASP B 224 6.49 9.23 11.46
N HIS B 225 5.85 8.06 11.34
CA HIS B 225 6.44 6.90 10.68
C HIS B 225 5.37 5.81 10.65
N GLY B 226 5.71 4.72 9.95
CA GLY B 226 4.92 3.51 9.91
C GLY B 226 5.40 2.46 10.89
N MET B 227 5.36 1.20 10.43
CA MET B 227 5.60 0.02 11.25
C MET B 227 5.80 -1.16 10.31
N THR B 228 6.68 -2.08 10.69
CA THR B 228 6.89 -3.29 9.92
C THR B 228 6.94 -4.48 10.87
N GLN B 229 6.60 -5.64 10.34
CA GLN B 229 6.52 -6.87 11.12
C GLN B 229 7.93 -7.42 11.40
N CYS B 230 8.13 -7.81 12.67
CA CYS B 230 9.35 -8.43 13.16
C CYS B 230 9.02 -9.87 13.54
N SER B 231 10.06 -10.64 13.81
CA SER B 231 9.92 -12.06 14.09
C SER B 231 11.11 -12.52 14.91
N LYS B 232 10.87 -13.46 15.82
CA LYS B 232 11.97 -14.07 16.54
C LYS B 232 12.88 -14.89 15.64
N GLN B 233 12.47 -15.18 14.40
CA GLN B 233 13.32 -15.82 13.41
CA GLN B 233 13.32 -15.83 13.41
C GLN B 233 14.19 -14.84 12.64
N ARG B 234 14.08 -13.55 12.93
CA ARG B 234 14.83 -12.50 12.25
C ARG B 234 15.49 -11.63 13.32
N VAL B 235 16.48 -12.21 13.99
CA VAL B 235 17.17 -11.53 15.08
C VAL B 235 18.67 -11.57 14.83
N ILE B 236 19.31 -10.42 15.04
CA ILE B 236 20.76 -10.30 15.02
C ILE B 236 21.20 -10.05 16.45
N GLU B 237 21.99 -10.94 17.02
CA GLU B 237 22.37 -10.85 18.43
C GLU B 237 23.82 -10.39 18.55
N LEU B 238 24.01 -9.16 19.07
CA LEU B 238 25.34 -8.54 18.98
C LEU B 238 26.38 -9.32 19.76
N ASP B 239 25.99 -9.96 20.87
CA ASP B 239 27.02 -10.61 21.67
C ASP B 239 27.50 -11.91 21.06
N ARG B 240 26.94 -12.34 19.92
CA ARG B 240 27.56 -13.40 19.14
C ARG B 240 28.83 -12.94 18.44
N TYR B 241 29.05 -11.63 18.34
CA TYR B 241 30.12 -11.09 17.53
C TYR B 241 31.02 -10.16 18.33
N LEU B 242 30.46 -9.51 19.36
CA LEU B 242 31.10 -8.38 20.06
C LEU B 242 31.19 -8.65 21.56
N ASP B 243 32.33 -8.28 22.13
CA ASP B 243 32.54 -8.22 23.57
C ASP B 243 31.85 -6.98 24.13
N LYS B 244 30.82 -7.20 24.94
CA LYS B 244 30.03 -6.09 25.50
C LYS B 244 30.89 -5.09 26.26
N GLU B 245 32.04 -5.53 26.79
CA GLU B 245 32.91 -4.65 27.54
C GLU B 245 33.62 -3.63 26.68
N HIS B 246 33.60 -3.78 25.36
CA HIS B 246 34.42 -2.95 24.50
C HIS B 246 33.63 -1.90 23.74
N TYR B 247 32.35 -1.68 24.08
CA TYR B 247 31.58 -0.64 23.43
C TYR B 247 30.39 -0.31 24.32
N THR B 248 29.78 0.83 24.04
CA THR B 248 28.51 1.23 24.66
C THR B 248 27.46 1.33 23.58
N LEU B 249 26.30 0.73 23.81
CA LEU B 249 25.20 0.80 22.86
C LEU B 249 24.31 1.97 23.24
N ILE B 250 24.38 3.06 22.47
CA ILE B 250 23.65 4.29 22.76
C ILE B 250 22.17 4.15 22.39
N ASP B 251 21.88 3.46 21.28
CA ASP B 251 20.52 3.19 20.81
C ASP B 251 20.55 1.78 20.23
N HIS B 252 19.46 1.02 20.43
CA HIS B 252 19.57 -0.43 20.19
C HIS B 252 19.12 -0.92 18.83
N SER B 253 17.83 -0.79 18.52
CA SER B 253 17.27 -1.46 17.30
C SER B 253 16.22 -0.59 16.67
N PRO B 254 16.17 -0.56 15.33
CA PRO B 254 16.97 -1.27 14.33
C PRO B 254 18.18 -0.51 13.83
N VAL B 255 18.49 0.62 14.46
CA VAL B 255 19.69 1.37 14.13
C VAL B 255 20.54 1.41 15.40
N ALA B 256 21.53 0.52 15.48
CA ALA B 256 22.38 0.39 16.65
C ALA B 256 23.44 1.48 16.57
N ALA B 257 23.43 2.39 17.54
CA ALA B 257 24.36 3.51 17.57
C ALA B 257 25.45 3.10 18.56
N ILE B 258 26.65 2.84 18.05
CA ILE B 258 27.68 2.08 18.77
C ILE B 258 28.87 3.02 19.02
N LEU B 259 29.24 3.16 20.30
CA LEU B 259 30.38 3.98 20.74
C LEU B 259 31.47 3.04 21.26
N PRO B 260 32.46 2.67 20.44
CA PRO B 260 33.53 1.80 20.92
C PRO B 260 34.29 2.45 22.07
N LYS B 261 34.73 1.63 23.01
CA LYS B 261 35.63 2.09 24.07
C LYS B 261 36.95 2.56 23.44
N GLU B 262 37.71 3.36 24.21
CA GLU B 262 38.98 3.85 23.67
C GLU B 262 39.86 2.69 23.26
N GLY B 263 40.47 2.82 22.10
CA GLY B 263 41.31 1.76 21.55
C GLY B 263 40.58 0.62 20.87
N LYS B 264 39.24 0.60 20.85
CA LYS B 264 38.51 -0.57 20.38
C LYS B 264 37.72 -0.36 19.09
N PHE B 265 37.91 0.77 18.42
CA PHE B 265 37.13 1.03 17.21
C PHE B 265 37.34 -0.07 16.16
N ASP B 266 38.62 -0.40 15.87
CA ASP B 266 38.89 -1.40 14.85
C ASP B 266 38.29 -2.74 15.22
N GLU B 267 38.50 -3.15 16.46
CA GLU B 267 37.99 -4.43 16.93
C GLU B 267 36.48 -4.53 16.73
N VAL B 268 35.76 -3.50 17.13
CA VAL B 268 34.28 -3.51 17.06
C VAL B 268 33.82 -3.51 15.61
N TYR B 269 34.34 -2.56 14.82
CA TYR B 269 33.99 -2.50 13.41
C TYR B 269 34.30 -3.81 12.72
N ASP B 270 35.51 -4.34 12.91
CA ASP B 270 35.92 -5.53 12.18
C ASP B 270 35.13 -6.76 12.60
N ALA B 271 34.74 -6.85 13.86
CA ALA B 271 33.92 -7.96 14.32
C ALA B 271 32.50 -7.91 13.77
N LEU B 272 31.96 -6.72 13.56
CA LEU B 272 30.55 -6.59 13.19
C LEU B 272 30.32 -6.43 11.69
N ALA B 273 31.24 -5.78 10.98
CA ALA B 273 31.03 -5.45 9.58
C ALA B 273 31.02 -6.74 8.76
N GLY B 274 29.93 -6.97 8.04
CA GLY B 274 29.80 -8.24 7.31
C GLY B 274 29.53 -9.48 8.15
N ALA B 275 29.30 -9.32 9.46
CA ALA B 275 29.03 -10.48 10.30
C ALA B 275 27.68 -11.12 9.95
N HIS B 276 26.70 -10.31 9.62
CA HIS B 276 25.33 -10.81 9.38
C HIS B 276 24.83 -10.16 8.10
N PRO B 277 24.25 -10.93 7.17
CA PRO B 277 23.84 -10.34 5.89
C PRO B 277 22.80 -9.24 6.04
N ASN B 278 22.04 -9.21 7.13
CA ASN B 278 20.96 -8.23 7.29
C ASN B 278 21.31 -7.12 8.27
N LEU B 279 22.59 -6.98 8.60
CA LEU B 279 23.05 -5.86 9.44
C LEU B 279 24.16 -5.13 8.69
N THR B 280 23.89 -3.91 8.24
CA THR B 280 24.88 -3.14 7.49
C THR B 280 25.57 -2.18 8.45
N VAL B 281 26.88 -2.34 8.58
CA VAL B 281 27.68 -1.57 9.54
C VAL B 281 28.35 -0.41 8.81
N TYR B 282 28.05 0.82 9.24
CA TYR B 282 28.65 2.02 8.69
C TYR B 282 29.57 2.70 9.70
N LYS B 283 30.75 3.09 9.26
CA LYS B 283 31.49 4.15 9.93
C LYS B 283 30.74 5.45 9.74
N LYS B 284 30.78 6.31 10.77
CA LYS B 284 30.04 7.58 10.70
C LYS B 284 30.20 8.28 9.36
N GLU B 285 31.45 8.49 8.90
CA GLU B 285 31.61 9.32 7.73
C GLU B 285 31.23 8.59 6.45
N GLU B 286 30.89 7.30 6.54
CA GLU B 286 30.46 6.52 5.39
C GLU B 286 28.95 6.30 5.35
N ILE B 287 28.20 6.89 6.27
CA ILE B 287 26.75 6.74 6.28
C ILE B 287 26.15 7.32 5.00
N PRO B 288 25.16 6.69 4.37
CA PRO B 288 24.60 7.20 3.11
C PRO B 288 24.18 8.65 3.20
N GLU B 289 24.55 9.43 2.18
CA GLU B 289 24.24 10.85 2.15
C GLU B 289 22.73 11.09 2.09
N ARG B 290 22.00 10.20 1.42
CA ARG B 290 20.56 10.39 1.27
C ARG B 290 19.84 10.34 2.61
N TRP B 291 20.44 9.80 3.67
CA TRP B 291 19.81 9.84 4.98
C TRP B 291 19.98 11.17 5.71
N HIS B 292 20.88 12.02 5.26
CA HIS B 292 21.13 13.32 5.89
C HIS B 292 21.22 13.17 7.40
N TYR B 293 22.07 12.27 7.80
CA TYR B 293 22.11 11.83 9.17
C TYR B 293 23.47 12.10 9.85
N LYS B 294 24.56 12.10 9.09
CA LYS B 294 25.93 11.98 9.61
C LYS B 294 26.56 13.27 10.16
N HIS B 295 26.16 14.47 9.71
CA HIS B 295 26.90 15.69 10.09
C HIS B 295 26.40 16.25 11.42
N ASN B 296 26.63 15.47 12.46
CA ASN B 296 26.22 15.87 13.80
C ASN B 296 27.01 15.03 14.79
N ASP B 297 27.51 15.68 15.85
CA ASP B 297 28.31 14.99 16.87
CA ASP B 297 28.32 14.99 16.85
C ASP B 297 27.52 13.99 17.68
N ARG B 298 26.20 14.00 17.60
CA ARG B 298 25.40 12.95 18.25
C ARG B 298 25.25 11.69 17.39
N VAL B 299 25.77 11.67 16.17
CA VAL B 299 25.85 10.43 15.39
C VAL B 299 27.12 9.70 15.83
N GLN B 300 26.96 8.49 16.34
CA GLN B 300 28.06 7.79 16.97
C GLN B 300 29.06 7.29 15.92
N PRO B 301 30.25 6.85 16.36
CA PRO B 301 31.28 6.49 15.38
C PRO B 301 30.94 5.30 14.51
N ILE B 302 30.11 4.39 15.00
CA ILE B 302 29.63 3.24 14.23
C ILE B 302 28.10 3.25 14.33
N VAL B 303 27.44 3.10 13.19
CA VAL B 303 25.98 2.99 13.12
C VAL B 303 25.69 1.73 12.30
N ALA B 304 25.03 0.75 12.94
CA ALA B 304 24.74 -0.52 12.31
C ALA B 304 23.24 -0.61 12.07
N VAL B 305 22.84 -0.75 10.83
CA VAL B 305 21.43 -0.64 10.40
C VAL B 305 20.91 -2.02 10.00
N ALA B 306 19.89 -2.49 10.70
CA ALA B 306 19.26 -3.75 10.35
C ALA B 306 18.30 -3.54 9.19
N ASP B 307 18.19 -4.56 8.33
CA ASP B 307 17.24 -4.53 7.22
C ASP B 307 15.80 -4.60 7.76
N GLU B 308 14.87 -4.15 6.92
CA GLU B 308 13.45 -4.17 7.26
C GLU B 308 13.04 -5.49 7.89
N GLY B 309 12.41 -5.39 9.06
CA GLY B 309 11.83 -6.54 9.72
C GLY B 309 12.80 -7.38 10.52
N TRP B 310 14.05 -6.94 10.64
CA TRP B 310 15.04 -7.58 11.49
C TRP B 310 15.24 -6.78 12.78
N TYR B 311 15.48 -7.51 13.87
CA TYR B 311 15.68 -6.95 15.20
C TYR B 311 17.14 -7.12 15.63
N ILE B 312 17.67 -6.08 16.25
CA ILE B 312 19.01 -6.13 16.84
C ILE B 312 18.79 -6.31 18.34
N LEU B 313 19.34 -7.38 18.88
CA LEU B 313 19.33 -7.65 20.31
C LEU B 313 20.77 -7.64 20.81
N GLN B 314 21.02 -6.95 21.90
CA GLN B 314 22.40 -6.95 22.38
C GLN B 314 22.73 -8.31 22.96
N ASN B 315 21.84 -8.85 23.75
CA ASN B 315 21.97 -10.20 24.27
C ASN B 315 20.59 -10.84 24.25
N LYS B 316 20.53 -12.11 24.62
CA LYS B 316 19.30 -12.87 24.45
C LYS B 316 18.12 -12.34 25.28
N SER B 317 18.34 -11.41 26.21
CA SER B 317 17.24 -10.89 27.01
C SER B 317 16.85 -9.46 26.65
N ASP B 318 17.39 -8.93 25.56
CA ASP B 318 17.08 -7.58 25.13
C ASP B 318 15.63 -7.55 24.65
N ASP B 319 15.09 -6.33 24.48
CA ASP B 319 13.69 -6.18 24.09
C ASP B 319 13.44 -6.77 22.70
N PHE B 320 12.26 -7.35 22.53
CA PHE B 320 11.75 -7.76 21.22
C PHE B 320 10.27 -7.45 21.14
N LEU B 321 9.86 -6.89 20.01
CA LEU B 321 8.47 -6.52 19.71
C LEU B 321 8.10 -7.01 18.32
N LEU B 322 6.82 -7.36 18.14
CA LEU B 322 6.37 -7.90 16.87
C LEU B 322 6.25 -6.85 15.79
N GLY B 323 6.17 -5.58 16.17
CA GLY B 323 6.25 -4.48 15.23
C GLY B 323 7.38 -3.54 15.62
N ASN B 324 8.07 -2.99 14.61
CA ASN B 324 8.98 -1.90 14.93
C ASN B 324 9.18 -1.03 13.70
N HIS B 325 9.88 0.07 13.93
CA HIS B 325 10.17 1.09 12.93
C HIS B 325 11.53 1.69 13.30
N GLY B 326 12.00 2.63 12.49
CA GLY B 326 13.37 3.16 12.62
C GLY B 326 14.24 2.86 11.43
N TYR B 327 13.82 1.92 10.59
CA TYR B 327 14.50 1.48 9.37
C TYR B 327 14.61 2.61 8.34
N ASP B 328 15.41 2.32 7.33
CA ASP B 328 15.61 3.12 6.14
C ASP B 328 14.33 3.86 5.73
N ASN B 329 14.39 5.21 5.65
CA ASN B 329 13.21 6.00 5.30
C ASN B 329 12.78 5.86 3.84
N ALA B 330 13.56 5.17 2.98
CA ALA B 330 13.09 4.84 1.64
C ALA B 330 12.04 3.74 1.64
N LEU B 331 11.92 2.98 2.71
CA LEU B 331 10.98 1.86 2.77
C LEU B 331 9.54 2.37 2.93
N ALA B 332 8.67 1.85 2.05
CA ALA B 332 7.27 2.22 2.07
C ALA B 332 6.62 1.99 3.44
N GLU B 333 6.99 0.90 4.14
CA GLU B 333 6.37 0.59 5.41
CA GLU B 333 6.33 0.61 5.39
C GLU B 333 6.72 1.60 6.49
N MET B 334 7.77 2.38 6.30
CA MET B 334 8.12 3.40 7.26
C MET B 334 7.38 4.73 7.03
N HIS B 335 6.58 4.83 5.92
CA HIS B 335 5.99 6.11 5.54
C HIS B 335 4.64 6.32 6.21
N PRO B 336 4.42 7.56 6.70
CA PRO B 336 3.18 7.92 7.40
C PRO B 336 2.09 8.40 6.44
N ILE B 337 0.84 8.33 6.94
CA ILE B 337 -0.29 9.01 6.29
C ILE B 337 -0.07 10.52 6.24
N PHE B 338 -0.72 11.16 5.27
CA PHE B 338 -0.89 12.62 5.22
C PHE B 338 -2.20 12.93 4.53
N LEU B 339 -3.08 13.64 5.25
CA LEU B 339 -4.29 14.16 4.63
C LEU B 339 -4.65 15.48 5.32
N ALA B 340 -5.49 16.28 4.65
CA ALA B 340 -5.83 17.58 5.24
C ALA B 340 -7.17 18.07 4.70
N HIS B 341 -7.81 18.93 5.50
CA HIS B 341 -9.07 19.57 5.13
C HIS B 341 -9.05 21.01 5.64
N GLY B 342 -9.56 21.92 4.84
CA GLY B 342 -9.88 23.24 5.35
C GLY B 342 -9.90 24.28 4.27
N PRO B 343 -10.16 25.52 4.67
CA PRO B 343 -10.38 26.58 3.67
C PRO B 343 -9.17 26.83 2.78
N ALA B 344 -7.96 26.51 3.21
CA ALA B 344 -6.80 26.73 2.37
C ALA B 344 -6.49 25.55 1.44
N PHE B 345 -7.19 24.43 1.60
CA PHE B 345 -6.86 23.18 0.90
C PHE B 345 -7.88 22.85 -0.16
N ARG B 346 -7.41 22.21 -1.23
CA ARG B 346 -8.30 21.68 -2.25
C ARG B 346 -9.18 20.58 -1.67
N LYS B 347 -10.20 20.21 -2.46
CA LYS B 347 -11.18 19.19 -2.10
C LYS B 347 -11.12 18.02 -3.07
N ASN B 348 -11.10 16.81 -2.50
CA ASN B 348 -11.12 15.58 -3.29
C ASN B 348 -9.89 15.48 -4.18
N PHE B 349 -8.72 15.86 -3.66
CA PHE B 349 -7.49 15.90 -4.42
C PHE B 349 -6.49 14.89 -3.86
N THR B 350 -5.85 14.13 -4.76
CA THR B 350 -4.82 13.17 -4.39
C THR B 350 -3.52 13.50 -5.12
N LYS B 351 -2.45 13.54 -4.35
CA LYS B 351 -1.09 13.80 -4.77
C LYS B 351 -0.26 12.55 -4.46
N GLU B 352 0.69 12.25 -5.34
CA GLU B 352 1.44 11.00 -5.15
C GLU B 352 2.43 11.09 -3.99
N ALA B 353 3.21 12.17 -3.90
CA ALA B 353 4.35 12.16 -2.99
C ALA B 353 4.64 13.52 -2.39
N MET B 354 5.28 13.49 -1.20
CA MET B 354 5.85 14.68 -0.59
C MET B 354 6.96 14.24 0.35
N ASN B 355 7.79 15.20 0.73
CA ASN B 355 8.77 15.02 1.80
C ASN B 355 8.23 15.61 3.10
N SER B 356 8.41 14.89 4.20
CA SER B 356 7.88 15.42 5.46
C SER B 356 8.57 16.73 5.85
N THR B 357 9.78 16.95 5.35
CA THR B 357 10.46 18.23 5.52
C THR B 357 9.71 19.37 4.87
N ASP B 358 8.76 19.10 3.99
CA ASP B 358 8.02 20.20 3.37
C ASP B 358 6.89 20.74 4.25
N LEU B 359 6.48 20.03 5.31
CA LEU B 359 5.32 20.49 6.08
C LEU B 359 5.60 21.85 6.71
N TYR B 360 6.77 22.01 7.31
CA TYR B 360 7.16 23.26 7.94
C TYR B 360 6.93 24.44 7.00
N SER B 361 7.40 24.33 5.76
CA SER B 361 7.25 25.43 4.82
C SER B 361 5.77 25.64 4.48
N LEU B 362 4.96 24.56 4.46
CA LEU B 362 3.52 24.70 4.28
C LEU B 362 2.87 25.45 5.46
N LEU B 363 3.24 25.08 6.69
CA LEU B 363 2.69 25.74 7.89
C LEU B 363 3.06 27.21 7.93
N CYS B 364 4.33 27.54 7.66
CA CYS B 364 4.77 28.92 7.64
C CYS B 364 3.98 29.71 6.60
N HIS B 365 3.74 29.11 5.44
CA HIS B 365 2.95 29.77 4.42
C HIS B 365 1.52 30.01 4.90
N LEU B 366 0.87 28.98 5.44
CA LEU B 366 -0.52 29.14 5.88
C LEU B 366 -0.64 30.20 6.98
N LEU B 367 0.33 30.25 7.88
CA LEU B 367 0.29 31.17 9.02
C LEU B 367 0.93 32.51 8.71
N ASN B 368 1.45 32.70 7.49
CA ASN B 368 2.07 33.95 7.11
C ASN B 368 3.27 34.25 8.02
N LEU B 369 4.13 33.24 8.19
CA LEU B 369 5.32 33.35 9.01
C LEU B 369 6.57 33.31 8.12
N THR B 370 7.61 34.01 8.55
CA THR B 370 8.91 33.89 7.88
C THR B 370 9.57 32.60 8.36
N ALA B 371 9.76 31.67 7.43
CA ALA B 371 10.37 30.40 7.77
C ALA B 371 11.86 30.56 8.04
N LEU B 372 12.34 29.85 9.05
CA LEU B 372 13.77 29.80 9.31
C LEU B 372 14.40 28.88 8.28
N PRO B 373 15.73 28.90 8.16
CA PRO B 373 16.38 28.03 7.17
C PRO B 373 15.97 26.57 7.36
N HIS B 374 15.63 25.93 6.27
CA HIS B 374 15.06 24.59 6.33
C HIS B 374 15.49 23.82 5.10
N ASN B 375 15.01 22.59 4.99
CA ASN B 375 15.36 21.72 3.87
C ASN B 375 14.17 21.37 2.98
N GLY B 376 12.96 21.76 3.33
CA GLY B 376 11.82 21.48 2.50
C GLY B 376 11.69 22.52 1.42
N SER B 377 10.58 22.45 0.68
CA SER B 377 10.31 23.42 -0.37
C SER B 377 8.82 23.64 -0.46
N PHE B 378 8.38 24.88 -0.25
CA PHE B 378 6.97 25.18 -0.41
C PHE B 378 6.47 24.81 -1.81
N TRP B 379 7.31 25.02 -2.82
CA TRP B 379 6.85 24.78 -4.19
C TRP B 379 6.44 23.33 -4.37
N ASN B 380 7.09 22.42 -3.65
CA ASN B 380 6.76 21.01 -3.75
C ASN B 380 5.32 20.71 -3.33
N VAL B 381 4.73 21.54 -2.45
CA VAL B 381 3.44 21.22 -1.86
C VAL B 381 2.37 22.27 -2.16
N GLN B 382 2.70 23.29 -2.95
CA GLN B 382 1.73 24.35 -3.22
C GLN B 382 0.51 23.82 -3.97
N ASP B 383 0.65 22.70 -4.69
CA ASP B 383 -0.53 22.19 -5.39
C ASP B 383 -1.55 21.55 -4.45
N LEU B 384 -1.27 21.45 -3.15
CA LEU B 384 -2.31 21.03 -2.21
C LEU B 384 -3.31 22.17 -1.92
N LEU B 385 -2.96 23.39 -2.25
CA LEU B 385 -3.69 24.56 -1.78
C LEU B 385 -4.70 25.04 -2.81
N SER B 386 -5.79 25.61 -2.31
CA SER B 386 -6.76 26.32 -3.14
C SER B 386 -6.35 27.78 -3.28
#